data_4GUT
#
_entry.id   4GUT
#
_cell.length_a   62.000
_cell.length_b   89.762
_cell.length_c   86.694
_cell.angle_alpha   90.00
_cell.angle_beta   104.96
_cell.angle_gamma   90.00
#
_symmetry.space_group_name_H-M   'P 1 21 1'
#
loop_
_entity.id
_entity.type
_entity.pdbx_description
1 polymer 'Lysine-specific histone demethylase 1B'
2 polymer 'Putative oxidoreductase GLYR1'
3 non-polymer 'FLAVIN-ADENINE DINUCLEOTIDE'
4 non-polymer GLYCEROL
5 non-polymer 'ZINC ION'
6 non-polymer 'TRIETHYLENE GLYCOL'
7 water water
#
loop_
_entity_poly.entity_id
_entity_poly.type
_entity_poly.pdbx_seq_one_letter_code
_entity_poly.pdbx_strand_id
1 'polypeptide(L)'
;PLGSRKCEKAGCTATCPVCFASASERCAKNGYTSRWYHLSCGEHFCNECFDHYYRSHKDGYDKYTTWKKIWTSNGKTEPS
PKAFMADQQLPYWVQCTKPECRKWRQLTKEIQLTPQIAKTYRCGMKPNTAIKPETSDHCSLPEDLRVLEVSNHWWYSMLI
LPPLLKDSVAAPLLSAYYPDCVGMSPSCTSTNRAAATGNASPGKLEHSKAALSVHVPGMNRYFQPFYQPNECGKALCVRP
DVMELDELYEFPEYSRDPTMYLALRNLILALWYTNCKEALTPQKCIPHIIVRGLVRIRCVQEVERILYFMTRKGLINTGV
LSVGADQYLLPKDYHNKSVIIIGAGPAGLAAARQLHNFGIKVTVLEAKDRIGGRVWDDKSFKGVTVGRGAQIVNGCINNP
VALMCEQLGISMHKFGERCDLIQEGGRITDPTIDKRMDFHFNALLDVVSEWRKDKTQLQDVPLGEKIEEIYKAFIKESGI
QFSELEGQVLQFHLSNLEYACGSNLHQVSARSWDHNEFFAQFAGDHTLLTPGYSVIIEKLAEGLDIQLKSPVQCIDYSGD
EVQVTTTDGTGYSAQKVLVTVPLALLQKGAIQFNPPLSEKKMKAINSLGAGIIEKIALQFPYRFWDSKVQGADFFGHVPP
SASKRGLFAVFYDMDPQKKHSVLMSVIAGEAVASVRTLDDKQVLQQCMATLRELFKEQEVPDPTKYFVTRWSTDPWIQMA
YSFVKTGGSGEAYDIIAEDIQGTVFFAGEATNRHFPQTVTGAYLSGVREASKIAAF
;
A
2 'polypeptide(L)'
;PLGSPEFSERGSKSPLKRAQEQSPRKRGRPPKDEKDLTIPESSTVKGMMAGPMAAFKWQPTASEPVKDADPHFHHFLLSQ
TEKPAVCYQAITKKLKICEEETGSTSIQAADSTAVNGSITPTDK
;
B
#
loop_
_chem_comp.id
_chem_comp.type
_chem_comp.name
_chem_comp.formula
FAD non-polymer 'FLAVIN-ADENINE DINUCLEOTIDE' 'C27 H33 N9 O15 P2'
GOL non-polymer GLYCEROL 'C3 H8 O3'
PGE non-polymer 'TRIETHYLENE GLYCOL' 'C6 H14 O4'
ZN non-polymer 'ZINC ION' 'Zn 2'
#
# COMPACT_ATOMS: atom_id res chain seq x y z
N PRO A 1 -47.20 41.94 -3.54
CA PRO A 1 -47.87 41.16 -2.52
C PRO A 1 -48.52 39.87 -3.04
N LEU A 2 -48.67 39.75 -4.36
CA LEU A 2 -49.03 38.48 -4.99
C LEU A 2 -47.78 37.66 -5.26
N GLY A 3 -47.68 36.53 -4.56
CA GLY A 3 -46.46 35.73 -4.52
C GLY A 3 -45.86 35.76 -3.12
N SER A 4 -44.65 35.22 -2.98
CA SER A 4 -44.01 35.07 -1.68
C SER A 4 -42.61 35.67 -1.59
N ARG A 5 -42.18 35.93 -0.36
CA ARG A 5 -40.82 36.35 -0.06
C ARG A 5 -40.18 35.36 0.93
N LYS A 6 -40.89 34.26 1.17
CA LYS A 6 -40.43 33.19 2.03
C LYS A 6 -40.06 31.95 1.23
N CYS A 7 -38.99 31.29 1.66
CA CYS A 7 -38.54 30.05 1.05
C CYS A 7 -39.52 28.91 1.33
N GLU A 8 -39.69 28.03 0.35
CA GLU A 8 -40.48 26.80 0.51
C GLU A 8 -40.04 25.97 1.72
N LYS A 9 -38.72 25.88 1.93
CA LYS A 9 -38.13 24.96 2.89
C LYS A 9 -38.33 25.40 4.34
N ALA A 10 -38.94 24.53 5.13
CA ALA A 10 -39.12 24.77 6.55
C ALA A 10 -37.77 24.83 7.26
N GLY A 11 -37.61 25.84 8.11
CA GLY A 11 -36.39 26.02 8.90
C GLY A 11 -35.27 26.77 8.19
N CYS A 12 -35.49 27.14 6.93
CA CYS A 12 -34.49 27.90 6.17
C CYS A 12 -34.27 29.29 6.73
N THR A 13 -33.01 29.72 6.74
CA THR A 13 -32.60 30.94 7.41
C THR A 13 -32.53 32.17 6.48
N ALA A 14 -32.86 31.97 5.20
CA ALA A 14 -32.84 33.05 4.22
C ALA A 14 -34.03 33.99 4.35
N THR A 15 -33.79 35.15 4.98
CA THR A 15 -34.81 36.17 5.17
C THR A 15 -35.19 36.84 3.85
N CYS A 16 -34.25 36.92 2.92
CA CYS A 16 -34.48 37.48 1.59
C CYS A 16 -33.90 36.59 0.48
N PRO A 17 -34.74 35.77 -0.16
CA PRO A 17 -34.33 34.94 -1.29
C PRO A 17 -34.26 35.71 -2.61
N VAL A 18 -33.13 35.62 -3.28
CA VAL A 18 -32.98 36.17 -4.64
C VAL A 18 -32.75 35.02 -5.61
N CYS A 19 -33.15 35.18 -6.86
CA CYS A 19 -33.00 34.11 -7.83
C CYS A 19 -31.62 34.11 -8.50
N PHE A 20 -30.97 32.95 -8.55
CA PHE A 20 -29.63 32.86 -9.11
C PHE A 20 -29.65 32.50 -10.59
N ALA A 21 -30.78 32.00 -11.08
CA ALA A 21 -30.84 31.52 -12.45
C ALA A 21 -30.98 32.65 -13.46
N SER A 22 -31.90 33.59 -13.18
CA SER A 22 -32.31 34.65 -14.11
C SER A 22 -32.23 34.16 -15.55
N ALA A 23 -32.88 33.02 -15.77
CA ALA A 23 -32.88 32.35 -17.05
C ALA A 23 -34.13 32.75 -17.83
N SER A 24 -35.21 33.02 -17.12
CA SER A 24 -36.46 33.44 -17.74
C SER A 24 -36.55 34.96 -17.81
N GLU A 25 -37.03 35.48 -18.93
CA GLU A 25 -37.37 36.91 -19.06
C GLU A 25 -38.34 37.33 -17.96
N ARG A 26 -39.03 36.36 -17.36
CA ARG A 26 -40.03 36.62 -16.32
C ARG A 26 -39.52 36.43 -14.88
N CYS A 27 -38.21 36.19 -14.74
CA CYS A 27 -37.57 35.97 -13.44
C CYS A 27 -38.02 36.95 -12.38
N ALA A 28 -38.35 36.43 -11.20
CA ALA A 28 -38.82 37.26 -10.09
C ALA A 28 -37.69 38.07 -9.45
N LYS A 29 -36.44 37.76 -9.82
CA LYS A 29 -35.27 38.46 -9.31
C LYS A 29 -35.20 38.39 -7.78
N ASN A 30 -35.36 39.54 -7.13
CA ASN A 30 -35.41 39.61 -5.67
C ASN A 30 -36.81 39.93 -5.15
N GLY A 31 -37.79 39.87 -6.05
CA GLY A 31 -39.16 40.24 -5.72
C GLY A 31 -40.04 39.06 -5.38
N TYR A 32 -41.35 39.31 -5.37
CA TYR A 32 -42.33 38.28 -5.05
C TYR A 32 -42.46 37.26 -6.18
N THR A 33 -42.55 35.99 -5.80
CA THR A 33 -42.85 34.91 -6.75
C THR A 33 -43.76 33.90 -6.09
N SER A 34 -44.45 33.12 -6.91
CA SER A 34 -45.26 31.99 -6.47
C SER A 34 -44.53 31.12 -5.44
N ARG A 35 -43.30 30.71 -5.76
CA ARG A 35 -42.56 29.77 -4.94
C ARG A 35 -41.05 29.94 -5.07
N TRP A 36 -40.39 30.04 -3.93
CA TRP A 36 -38.93 30.10 -3.86
C TRP A 36 -38.35 28.74 -3.65
N TYR A 37 -37.59 28.27 -4.63
CA TYR A 37 -36.97 26.94 -4.57
C TYR A 37 -35.64 26.95 -3.84
N HIS A 38 -35.46 25.97 -2.97
CA HIS A 38 -34.34 25.93 -2.05
C HIS A 38 -33.32 24.91 -2.45
N LEU A 39 -32.17 25.39 -2.92
CA LEU A 39 -30.99 24.55 -3.14
C LEU A 39 -30.12 24.50 -1.89
N SER A 40 -29.95 25.66 -1.25
CA SER A 40 -29.27 25.77 0.04
C SER A 40 -29.78 27.00 0.79
N CYS A 41 -29.35 27.14 2.04
CA CYS A 41 -29.70 28.32 2.84
C CYS A 41 -29.35 29.67 2.18
N GLY A 42 -28.47 29.64 1.19
CA GLY A 42 -28.06 30.85 0.47
C GLY A 42 -28.37 30.86 -1.02
N GLU A 43 -29.01 29.80 -1.51
CA GLU A 43 -29.27 29.67 -2.94
C GLU A 43 -30.69 29.23 -3.25
N HIS A 44 -31.42 30.08 -3.97
CA HIS A 44 -32.77 29.78 -4.41
C HIS A 44 -33.01 30.23 -5.81
N PHE A 45 -33.98 29.62 -6.47
CA PHE A 45 -34.43 30.12 -7.76
C PHE A 45 -35.96 30.24 -7.81
N CYS A 46 -36.43 31.21 -8.57
CA CYS A 46 -37.85 31.57 -8.61
C CYS A 46 -38.66 30.60 -9.49
N ASN A 47 -39.97 30.62 -9.28
CA ASN A 47 -40.90 29.72 -9.98
C ASN A 47 -40.87 29.78 -11.51
N GLU A 48 -40.71 30.97 -12.08
CA GLU A 48 -40.72 31.13 -13.54
C GLU A 48 -39.43 30.65 -14.19
N CYS A 49 -38.30 30.79 -13.48
CA CYS A 49 -37.06 30.19 -13.94
C CYS A 49 -37.17 28.66 -13.82
N PHE A 50 -37.80 28.19 -12.74
CA PHE A 50 -38.16 26.78 -12.58
C PHE A 50 -38.89 26.32 -13.84
N ASP A 51 -40.01 26.99 -14.13
CA ASP A 51 -40.83 26.73 -15.32
C ASP A 51 -40.10 26.90 -16.65
N HIS A 52 -39.18 27.86 -16.73
CA HIS A 52 -38.44 28.13 -17.97
C HIS A 52 -37.74 26.90 -18.51
N TYR A 53 -37.30 26.03 -17.60
CA TYR A 53 -36.67 24.76 -17.96
C TYR A 53 -37.67 23.60 -17.87
N TYR A 54 -38.56 23.65 -16.87
CA TYR A 54 -39.45 22.54 -16.52
C TYR A 54 -40.60 22.27 -17.49
N ARG A 55 -41.27 23.32 -17.97
CA ARG A 55 -42.42 23.19 -18.87
C ARG A 55 -42.03 23.14 -20.35
N SER A 56 -42.72 22.28 -21.10
CA SER A 56 -42.41 22.02 -22.49
C SER A 56 -42.48 23.26 -23.39
N HIS A 57 -43.42 24.15 -23.10
CA HIS A 57 -43.65 25.34 -23.94
C HIS A 57 -42.69 26.48 -23.71
N LYS A 58 -41.77 26.31 -22.75
CA LYS A 58 -40.79 27.36 -22.42
C LYS A 58 -39.42 27.10 -23.07
N ASP A 59 -38.67 28.17 -23.31
CA ASP A 59 -37.44 28.13 -24.13
C ASP A 59 -36.23 27.37 -23.56
N GLY A 60 -36.23 27.14 -22.24
CA GLY A 60 -35.12 26.43 -21.60
C GLY A 60 -35.36 24.94 -21.44
N TYR A 61 -36.52 24.48 -21.94
CA TYR A 61 -36.93 23.08 -21.86
C TYR A 61 -36.04 22.20 -22.74
N ASP A 62 -35.63 22.73 -23.88
CA ASP A 62 -34.74 22.04 -24.82
C ASP A 62 -33.44 21.63 -24.10
N LYS A 63 -32.84 22.57 -23.39
CA LYS A 63 -31.65 22.31 -22.58
C LYS A 63 -31.89 21.30 -21.48
N TYR A 64 -33.05 21.39 -20.82
CA TYR A 64 -33.39 20.47 -19.74
C TYR A 64 -33.50 19.02 -20.20
N THR A 65 -34.12 18.80 -21.36
CA THR A 65 -34.35 17.44 -21.88
C THR A 65 -33.06 16.77 -22.34
N THR A 66 -32.19 17.54 -22.99
CA THR A 66 -30.90 17.02 -23.46
C THR A 66 -30.00 16.65 -22.28
N TRP A 67 -30.06 17.45 -21.22
CA TRP A 67 -29.33 17.17 -19.99
C TRP A 67 -29.92 16.00 -19.26
N LYS A 68 -31.25 15.92 -19.24
CA LYS A 68 -31.97 14.82 -18.58
C LYS A 68 -31.62 13.48 -19.21
N LYS A 69 -31.44 13.48 -20.52
CA LYS A 69 -31.10 12.28 -21.27
C LYS A 69 -29.71 11.81 -20.90
N ILE A 70 -28.72 12.71 -20.96
CA ILE A 70 -27.34 12.38 -20.59
C ILE A 70 -27.25 11.90 -19.14
N TRP A 71 -27.87 12.64 -18.23
CA TRP A 71 -27.96 12.28 -16.82
C TRP A 71 -28.54 10.91 -16.60
N THR A 72 -29.56 10.58 -17.40
CA THR A 72 -30.31 9.33 -17.24
C THR A 72 -29.53 8.13 -17.77
N SER A 73 -28.78 8.33 -18.86
CA SER A 73 -28.10 7.26 -19.56
C SER A 73 -26.81 6.79 -18.87
N ASN A 74 -26.13 7.71 -18.18
CA ASN A 74 -24.93 7.36 -17.41
C ASN A 74 -24.90 7.95 -16.00
N GLY A 75 -26.03 7.83 -15.31
CA GLY A 75 -26.16 8.30 -13.94
C GLY A 75 -27.19 7.46 -13.21
N LYS A 76 -27.24 7.61 -11.89
CA LYS A 76 -28.08 6.77 -11.03
C LYS A 76 -29.05 7.61 -10.17
N THR A 77 -28.75 8.89 -10.00
CA THR A 77 -29.63 9.79 -9.25
C THR A 77 -30.70 10.40 -10.16
N GLU A 78 -31.79 10.88 -9.56
CA GLU A 78 -32.88 11.49 -10.32
C GLU A 78 -32.47 12.80 -10.99
N PRO A 79 -32.88 12.98 -12.27
CA PRO A 79 -32.57 14.19 -13.02
C PRO A 79 -33.61 15.30 -12.80
N SER A 80 -33.76 15.73 -11.56
CA SER A 80 -34.74 16.76 -11.18
C SER A 80 -34.27 18.17 -11.58
N PRO A 81 -35.19 19.16 -11.55
CA PRO A 81 -34.81 20.53 -11.89
C PRO A 81 -33.77 21.10 -10.92
N LYS A 82 -33.89 20.75 -9.64
CA LYS A 82 -32.88 21.14 -8.65
C LYS A 82 -31.50 20.57 -9.01
N ALA A 83 -31.47 19.34 -9.52
CA ALA A 83 -30.24 18.70 -10.00
C ALA A 83 -29.68 19.39 -11.24
N PHE A 84 -30.57 19.78 -12.16
CA PHE A 84 -30.19 20.55 -13.35
C PHE A 84 -29.60 21.90 -12.96
N MET A 85 -30.24 22.58 -12.02
CA MET A 85 -29.80 23.89 -11.55
C MET A 85 -28.41 23.80 -10.92
N ALA A 86 -28.22 22.79 -10.07
CA ALA A 86 -26.97 22.62 -9.32
C ALA A 86 -25.79 22.20 -10.22
N ASP A 87 -26.10 21.50 -11.30
CA ASP A 87 -25.10 20.98 -12.22
C ASP A 87 -24.72 21.97 -13.32
N GLN A 88 -25.70 22.75 -13.78
CA GLN A 88 -25.55 23.52 -15.01
C GLN A 88 -25.75 25.02 -14.88
N GLN A 89 -26.46 25.47 -13.86
CA GLN A 89 -26.85 26.89 -13.79
C GLN A 89 -26.36 27.67 -12.59
N LEU A 90 -26.19 27.00 -11.44
CA LEU A 90 -25.70 27.67 -10.24
C LEU A 90 -24.36 28.33 -10.50
N PRO A 91 -24.18 29.58 -10.08
CA PRO A 91 -22.90 30.24 -10.30
C PRO A 91 -21.79 29.70 -9.39
N TYR A 92 -20.56 29.79 -9.89
CA TYR A 92 -19.38 29.32 -9.17
C TYR A 92 -18.93 30.32 -8.13
N TRP A 93 -18.22 29.79 -7.13
CA TRP A 93 -17.59 30.59 -6.09
C TRP A 93 -16.14 30.25 -6.05
N VAL A 94 -15.31 31.27 -5.84
CA VAL A 94 -13.87 31.09 -5.86
C VAL A 94 -13.24 32.01 -4.84
N GLN A 95 -12.17 31.54 -4.22
CA GLN A 95 -11.52 32.28 -3.14
C GLN A 95 -10.37 33.11 -3.69
N CYS A 96 -10.31 34.38 -3.27
CA CYS A 96 -9.21 35.25 -3.62
C CYS A 96 -7.92 34.68 -3.06
N THR A 97 -6.87 34.65 -3.87
CA THR A 97 -5.61 34.03 -3.49
C THR A 97 -4.62 35.02 -2.86
N LYS A 98 -5.03 36.28 -2.73
CA LYS A 98 -4.24 37.26 -2.00
C LYS A 98 -4.26 36.88 -0.52
N PRO A 99 -3.07 36.58 0.05
CA PRO A 99 -2.92 36.02 1.40
C PRO A 99 -3.60 36.83 2.51
N GLU A 100 -3.67 38.15 2.33
CA GLU A 100 -4.29 39.03 3.33
C GLU A 100 -5.77 39.31 3.07
N CYS A 101 -6.25 38.95 1.88
CA CYS A 101 -7.67 39.06 1.56
C CYS A 101 -8.37 37.74 1.86
N ARG A 102 -8.14 36.74 1.01
CA ARG A 102 -8.68 35.39 1.17
C ARG A 102 -10.22 35.30 1.19
N LYS A 103 -10.89 36.28 0.58
CA LYS A 103 -12.35 36.26 0.60
C LYS A 103 -12.96 35.45 -0.54
N TRP A 104 -14.09 34.82 -0.26
CA TRP A 104 -14.81 34.04 -1.27
C TRP A 104 -15.67 34.96 -2.10
N ARG A 105 -15.68 34.74 -3.40
CA ARG A 105 -16.44 35.59 -4.33
C ARG A 105 -17.27 34.73 -5.28
N GLN A 106 -18.48 35.21 -5.58
CA GLN A 106 -19.35 34.60 -6.59
C GLN A 106 -18.96 35.13 -7.96
N LEU A 107 -18.77 34.22 -8.92
CA LEU A 107 -18.50 34.63 -10.30
C LEU A 107 -19.83 34.88 -11.03
N THR A 108 -19.80 35.72 -12.05
CA THR A 108 -21.00 35.98 -12.85
C THR A 108 -21.38 34.70 -13.59
N LYS A 109 -22.68 34.54 -13.83
CA LYS A 109 -23.25 33.24 -14.24
C LYS A 109 -22.67 32.63 -15.51
N GLU A 110 -22.10 33.45 -16.38
CA GLU A 110 -21.59 32.93 -17.65
C GLU A 110 -20.17 32.35 -17.52
N ILE A 111 -19.48 32.67 -16.43
CA ILE A 111 -18.09 32.26 -16.24
C ILE A 111 -17.96 30.81 -15.78
N GLN A 112 -17.23 30.00 -16.56
CA GLN A 112 -16.99 28.59 -16.23
C GLN A 112 -15.69 28.46 -15.43
N LEU A 113 -15.79 28.05 -14.17
CA LEU A 113 -14.62 27.90 -13.31
C LEU A 113 -13.70 26.80 -13.82
N THR A 114 -12.39 27.10 -13.87
CA THR A 114 -11.37 26.13 -14.24
C THR A 114 -10.26 26.08 -13.18
N PRO A 115 -9.43 25.03 -13.20
CA PRO A 115 -8.30 25.02 -12.27
C PRO A 115 -7.42 26.28 -12.37
N GLN A 116 -7.12 26.74 -13.58
CA GLN A 116 -6.26 27.91 -13.75
C GLN A 116 -6.87 29.16 -13.11
N ILE A 117 -8.17 29.35 -13.31
CA ILE A 117 -8.84 30.47 -12.66
C ILE A 117 -8.79 30.33 -11.14
N ALA A 118 -9.08 29.15 -10.61
CA ALA A 118 -9.04 28.96 -9.15
C ALA A 118 -7.65 29.17 -8.58
N LYS A 119 -6.63 28.76 -9.33
CA LYS A 119 -5.24 28.82 -8.89
C LYS A 119 -4.79 30.25 -8.65
N THR A 120 -5.24 31.17 -9.50
CA THR A 120 -4.72 32.54 -9.52
C THR A 120 -5.75 33.62 -9.18
N TYR A 121 -7.00 33.24 -8.95
CA TYR A 121 -8.05 34.23 -8.72
C TYR A 121 -7.69 35.30 -7.68
N ARG A 122 -8.00 36.54 -8.01
CA ARG A 122 -8.20 37.57 -6.99
C ARG A 122 -9.44 38.41 -7.28
N CYS A 123 -10.00 38.99 -6.23
CA CYS A 123 -11.19 39.82 -6.33
C CYS A 123 -11.09 40.75 -7.52
N GLY A 124 -12.17 40.81 -8.30
CA GLY A 124 -12.25 41.72 -9.44
C GLY A 124 -11.81 41.16 -10.77
N MET A 125 -11.07 40.05 -10.76
CA MET A 125 -10.52 39.46 -11.99
C MET A 125 -11.60 39.11 -13.00
N LYS A 126 -11.44 39.61 -14.22
CA LYS A 126 -12.37 39.33 -15.33
C LYS A 126 -11.64 39.15 -16.65
N PRO A 127 -12.14 38.23 -17.51
CA PRO A 127 -11.55 37.99 -18.84
C PRO A 127 -11.53 39.22 -19.75
N ASN A 128 -12.41 40.18 -19.46
CA ASN A 128 -12.50 41.44 -20.21
C ASN A 128 -12.63 42.62 -19.26
N SER A 136 -11.85 50.71 -8.53
CA SER A 136 -11.19 49.46 -8.19
C SER A 136 -11.28 49.15 -6.69
N ASP A 137 -10.16 48.70 -6.11
CA ASP A 137 -10.10 48.26 -4.70
C ASP A 137 -11.02 47.07 -4.39
N HIS A 138 -11.05 46.11 -5.30
CA HIS A 138 -11.98 44.97 -5.24
C HIS A 138 -11.91 44.13 -4.01
N CYS A 139 -10.70 43.94 -3.47
CA CYS A 139 -10.50 43.13 -2.25
C CYS A 139 -11.12 43.76 -1.01
N SER A 140 -11.26 45.09 -0.99
CA SER A 140 -11.78 45.81 0.17
C SER A 140 -13.29 45.67 0.35
N LEU A 141 -14.00 45.41 -0.76
CA LEU A 141 -15.45 45.19 -0.72
C LEU A 141 -15.77 43.99 0.18
N PRO A 142 -16.86 44.10 0.97
CA PRO A 142 -17.15 43.08 1.98
C PRO A 142 -17.50 41.73 1.37
N GLU A 143 -17.16 40.66 2.08
CA GLU A 143 -17.53 39.31 1.66
C GLU A 143 -19.02 39.09 1.83
N ASP A 144 -19.63 38.48 0.82
CA ASP A 144 -21.01 38.04 0.89
C ASP A 144 -21.24 37.30 2.21
N LEU A 145 -22.37 37.60 2.86
CA LEU A 145 -22.68 37.05 4.18
C LEU A 145 -22.99 35.55 4.17
N ARG A 146 -23.52 35.06 3.06
CA ARG A 146 -23.82 33.63 2.90
C ARG A 146 -22.60 32.71 3.00
N VAL A 147 -21.41 33.27 2.80
CA VAL A 147 -20.16 32.50 2.86
C VAL A 147 -19.91 31.96 4.26
N LEU A 148 -19.78 32.85 5.24
CA LEU A 148 -19.53 32.46 6.62
C LEU A 148 -20.59 31.48 7.15
N GLU A 149 -21.78 31.54 6.55
CA GLU A 149 -22.89 30.62 6.86
C GLU A 149 -22.57 29.16 6.58
N VAL A 150 -21.80 28.92 5.53
CA VAL A 150 -21.45 27.55 5.09
C VAL A 150 -20.74 26.75 6.19
N SER A 151 -20.05 27.46 7.09
CA SER A 151 -19.34 26.85 8.21
C SER A 151 -20.27 26.20 9.24
N ASN A 152 -21.47 26.76 9.40
CA ASN A 152 -22.47 26.25 10.35
C ASN A 152 -22.74 24.76 10.17
N HIS A 153 -22.83 24.05 11.30
CA HIS A 153 -23.04 22.60 11.32
C HIS A 153 -24.24 22.18 10.52
N TRP A 154 -25.30 22.97 10.59
CA TRP A 154 -26.57 22.67 9.93
C TRP A 154 -26.59 22.97 8.45
N TRP A 155 -25.68 23.81 7.97
CA TRP A 155 -25.71 24.27 6.57
C TRP A 155 -25.83 23.14 5.58
N TYR A 156 -25.00 22.11 5.76
CA TYR A 156 -25.00 20.94 4.87
C TYR A 156 -26.31 20.15 4.94
N SER A 157 -26.90 20.06 6.13
CA SER A 157 -28.18 19.37 6.30
C SER A 157 -29.30 20.10 5.57
N MET A 158 -29.20 21.43 5.50
CA MET A 158 -30.17 22.26 4.76
C MET A 158 -29.86 22.38 3.27
N LEU A 159 -28.73 21.79 2.85
CA LEU A 159 -28.39 21.66 1.44
C LEU A 159 -29.12 20.44 0.90
N ILE A 160 -29.73 20.56 -0.28
CA ILE A 160 -30.63 19.51 -0.80
C ILE A 160 -29.90 18.30 -1.35
N LEU A 161 -29.16 18.49 -2.43
CA LEU A 161 -28.46 17.40 -3.10
C LEU A 161 -26.96 17.45 -2.83
N PRO A 162 -26.30 16.28 -2.74
CA PRO A 162 -24.87 16.29 -2.52
C PRO A 162 -24.13 16.82 -3.74
N PRO A 163 -22.96 17.45 -3.52
CA PRO A 163 -22.19 17.99 -4.64
C PRO A 163 -21.68 16.89 -5.56
N LEU A 164 -21.58 17.19 -6.85
CA LEU A 164 -20.97 16.30 -7.83
C LEU A 164 -19.82 17.00 -8.53
N LEU A 165 -18.62 16.41 -8.48
CA LEU A 165 -17.43 17.06 -9.04
C LEU A 165 -17.34 16.95 -10.55
N LYS A 166 -16.82 18.01 -11.18
CA LYS A 166 -16.61 18.05 -12.63
C LYS A 166 -15.15 17.87 -12.98
N ASP A 167 -14.88 17.14 -14.06
CA ASP A 167 -13.51 16.90 -14.54
C ASP A 167 -12.53 16.51 -13.44
N SER A 168 -12.98 15.64 -12.53
CA SER A 168 -12.10 15.11 -11.50
C SER A 168 -10.90 14.38 -12.11
N VAL A 169 -9.74 14.57 -11.53
CA VAL A 169 -8.53 13.84 -11.90
C VAL A 169 -8.75 12.32 -11.78
N ALA A 170 -9.70 11.92 -10.94
CA ALA A 170 -10.06 10.51 -10.77
C ALA A 170 -10.89 9.93 -11.93
N ALA A 171 -11.58 10.79 -12.69
CA ALA A 171 -12.51 10.34 -13.73
C ALA A 171 -11.94 9.31 -14.73
N PRO A 172 -10.74 9.57 -15.32
CA PRO A 172 -10.20 8.60 -16.28
C PRO A 172 -10.01 7.19 -15.71
N LEU A 173 -9.83 7.08 -14.40
CA LEU A 173 -9.60 5.79 -13.75
C LEU A 173 -10.91 5.10 -13.37
N LEU A 174 -12.02 5.83 -13.46
CA LEU A 174 -13.29 5.32 -12.97
C LEU A 174 -14.36 5.19 -14.06
N SER A 175 -13.92 5.04 -15.31
CA SER A 175 -14.82 5.03 -16.46
C SER A 175 -15.83 3.89 -16.44
N ALA A 176 -15.57 2.88 -15.62
CA ALA A 176 -16.47 1.72 -15.50
C ALA A 176 -17.54 1.93 -14.43
N TYR A 177 -17.47 3.04 -13.72
CA TYR A 177 -18.50 3.38 -12.73
C TYR A 177 -19.44 4.46 -13.27
N TYR A 178 -20.62 4.53 -12.68
CA TYR A 178 -21.53 5.66 -12.91
C TYR A 178 -21.06 6.84 -12.05
N PRO A 179 -20.75 7.97 -12.70
CA PRO A 179 -20.12 9.11 -12.02
C PRO A 179 -20.76 9.53 -10.70
N ASP A 180 -22.10 9.51 -10.62
CA ASP A 180 -22.74 9.96 -9.38
C ASP A 180 -22.64 8.98 -8.22
N CYS A 181 -22.32 7.73 -8.52
CA CYS A 181 -21.98 6.75 -7.47
C CYS A 181 -20.57 7.01 -6.89
N VAL A 182 -19.74 7.71 -7.65
CA VAL A 182 -18.40 8.08 -7.19
C VAL A 182 -18.25 9.59 -6.94
N GLY A 183 -19.36 10.31 -6.93
CA GLY A 183 -19.36 11.72 -6.53
C GLY A 183 -18.96 12.67 -7.63
N MET A 184 -19.04 12.21 -8.87
CA MET A 184 -18.71 13.01 -10.04
C MET A 184 -19.98 13.27 -10.86
N SER A 185 -19.96 14.31 -11.67
CA SER A 185 -21.12 14.65 -12.50
C SER A 185 -21.24 13.79 -13.77
N PRO A 186 -22.42 13.17 -13.97
CA PRO A 186 -22.77 12.41 -15.18
C PRO A 186 -22.66 13.22 -16.47
N SER A 187 -22.74 14.55 -16.36
CA SER A 187 -22.76 15.43 -17.54
C SER A 187 -21.38 15.78 -18.12
N CYS A 188 -20.31 15.32 -17.49
CA CYS A 188 -18.95 15.50 -18.01
C CYS A 188 -18.65 14.51 -19.13
N THR A 189 -17.82 14.92 -20.09
CA THR A 189 -17.41 14.03 -21.18
C THR A 189 -15.93 13.67 -21.06
N GLY A 218 0.23 9.52 -18.85
CA GLY A 218 0.83 8.19 -18.81
C GLY A 218 1.18 7.78 -17.40
N MET A 219 0.18 7.35 -16.64
CA MET A 219 0.37 6.91 -15.25
C MET A 219 1.04 5.55 -15.18
N ASN A 220 2.03 5.42 -14.31
CA ASN A 220 2.70 4.14 -14.05
C ASN A 220 1.68 3.01 -13.99
N ARG A 221 1.91 1.96 -14.78
CA ARG A 221 0.97 0.84 -14.90
C ARG A 221 0.79 0.01 -13.60
N TYR A 222 1.65 0.24 -12.61
CA TYR A 222 1.53 -0.45 -11.32
C TYR A 222 0.62 0.29 -10.34
N PHE A 223 0.26 1.54 -10.66
CA PHE A 223 -0.68 2.31 -9.84
C PHE A 223 -2.12 1.98 -10.24
N GLN A 224 -2.76 1.11 -9.48
CA GLN A 224 -4.17 0.75 -9.70
C GLN A 224 -4.94 0.84 -8.40
N PRO A 225 -5.04 2.07 -7.84
CA PRO A 225 -5.55 2.25 -6.48
C PRO A 225 -7.05 1.97 -6.30
N PHE A 226 -7.81 1.93 -7.40
CA PHE A 226 -9.26 1.73 -7.33
C PHE A 226 -9.70 0.37 -7.84
N TYR A 227 -10.52 -0.32 -7.05
CA TYR A 227 -11.19 -1.54 -7.51
C TYR A 227 -12.07 -1.24 -8.73
N GLN A 228 -12.00 -2.11 -9.72
CA GLN A 228 -12.93 -2.10 -10.83
C GLN A 228 -14.20 -2.83 -10.40
N PRO A 229 -15.37 -2.51 -11.01
CA PRO A 229 -16.62 -3.13 -10.56
C PRO A 229 -16.54 -4.65 -10.57
N ASN A 230 -16.81 -5.25 -9.40
CA ASN A 230 -16.78 -6.72 -9.21
C ASN A 230 -15.51 -7.44 -9.68
N GLU A 231 -14.37 -6.80 -9.40
CA GLU A 231 -13.05 -7.37 -9.62
C GLU A 231 -12.64 -8.11 -8.36
N CYS A 232 -11.94 -9.24 -8.51
CA CYS A 232 -11.47 -10.01 -7.35
C CYS A 232 -10.44 -9.23 -6.52
N GLY A 233 -10.28 -9.62 -5.25
CA GLY A 233 -9.43 -8.93 -4.29
C GLY A 233 -8.00 -8.73 -4.74
N LYS A 234 -7.49 -7.53 -4.51
CA LYS A 234 -6.05 -7.29 -4.62
C LYS A 234 -5.60 -6.26 -3.60
N ALA A 235 -4.34 -6.37 -3.20
CA ALA A 235 -3.79 -5.61 -2.10
C ALA A 235 -3.78 -4.12 -2.36
N LEU A 236 -4.10 -3.38 -1.30
CA LEU A 236 -4.02 -1.91 -1.25
C LEU A 236 -4.87 -1.26 -2.34
N CYS A 237 -6.15 -1.64 -2.34
CA CYS A 237 -7.10 -1.18 -3.32
C CYS A 237 -8.31 -0.67 -2.57
N VAL A 238 -8.88 0.45 -3.02
CA VAL A 238 -10.13 0.92 -2.43
C VAL A 238 -11.28 0.80 -3.41
N ARG A 239 -12.49 0.67 -2.88
CA ARG A 239 -13.68 0.82 -3.68
C ARG A 239 -13.94 2.33 -3.75
N PRO A 240 -14.10 2.86 -4.96
CA PRO A 240 -14.35 4.31 -5.10
C PRO A 240 -15.77 4.73 -4.68
N ASP A 241 -16.65 3.74 -4.56
CA ASP A 241 -18.06 4.00 -4.21
C ASP A 241 -18.43 3.59 -2.80
N VAL A 242 -17.47 3.03 -2.06
CA VAL A 242 -17.72 2.61 -0.68
C VAL A 242 -16.62 3.12 0.25
N MET A 243 -17.02 3.70 1.38
CA MET A 243 -16.08 4.11 2.42
C MET A 243 -15.54 2.88 3.15
N GLU A 244 -14.27 2.91 3.50
CA GLU A 244 -13.63 1.81 4.24
C GLU A 244 -13.92 1.97 5.72
N LEU A 245 -13.68 0.89 6.48
CA LEU A 245 -13.95 0.87 7.92
C LEU A 245 -13.31 2.04 8.67
N ASP A 246 -12.02 2.28 8.46
CA ASP A 246 -11.33 3.35 9.17
C ASP A 246 -11.85 4.72 8.74
N GLU A 247 -12.31 4.81 7.49
CA GLU A 247 -12.89 6.06 6.98
C GLU A 247 -14.22 6.37 7.69
N LEU A 248 -15.11 5.37 7.74
CA LEU A 248 -16.36 5.46 8.51
C LEU A 248 -16.11 5.83 9.97
N TYR A 249 -15.05 5.25 10.54
CA TYR A 249 -14.69 5.48 11.93
C TYR A 249 -14.29 6.94 12.20
N GLU A 250 -13.52 7.54 11.29
CA GLU A 250 -13.04 8.90 11.45
C GLU A 250 -14.05 9.97 11.04
N PHE A 251 -14.88 9.64 10.06
CA PHE A 251 -15.84 10.58 9.50
C PHE A 251 -17.25 9.97 9.55
N PRO A 252 -17.76 9.72 10.77
CA PRO A 252 -19.06 9.05 10.88
C PRO A 252 -20.20 9.90 10.30
N GLU A 253 -20.04 11.22 10.32
CA GLU A 253 -21.03 12.13 9.74
C GLU A 253 -21.34 11.84 8.26
N TYR A 254 -20.45 11.08 7.60
CA TYR A 254 -20.64 10.73 6.19
C TYR A 254 -21.28 9.36 5.93
N SER A 255 -21.51 8.58 6.99
CA SER A 255 -22.06 7.23 6.81
C SER A 255 -23.44 7.26 6.14
N ARG A 256 -24.20 8.31 6.42
CA ARG A 256 -25.52 8.54 5.84
C ARG A 256 -25.46 8.86 4.34
N ASP A 257 -24.55 9.76 3.96
CA ASP A 257 -24.34 10.10 2.56
C ASP A 257 -22.85 10.39 2.30
N PRO A 258 -22.15 9.42 1.70
CA PRO A 258 -20.70 9.47 1.51
C PRO A 258 -20.23 10.21 0.23
N THR A 259 -21.17 10.64 -0.61
CA THR A 259 -20.86 11.24 -1.92
C THR A 259 -19.72 12.27 -1.88
N MET A 260 -19.86 13.24 -0.98
CA MET A 260 -18.89 14.32 -0.87
C MET A 260 -17.52 13.79 -0.45
N TYR A 261 -17.50 12.92 0.57
CA TYR A 261 -16.25 12.32 1.03
C TYR A 261 -15.58 11.53 -0.09
N LEU A 262 -16.33 10.65 -0.74
CA LEU A 262 -15.81 9.76 -1.76
C LEU A 262 -15.20 10.54 -2.93
N ALA A 263 -15.92 11.56 -3.39
CA ALA A 263 -15.43 12.40 -4.48
C ALA A 263 -14.05 12.99 -4.15
N LEU A 264 -13.92 13.55 -2.95
CA LEU A 264 -12.70 14.20 -2.48
C LEU A 264 -11.56 13.23 -2.16
N ARG A 265 -11.88 12.10 -1.51
CA ARG A 265 -10.90 11.04 -1.29
C ARG A 265 -10.34 10.50 -2.61
N ASN A 266 -11.23 10.21 -3.58
CA ASN A 266 -10.81 9.69 -4.87
C ASN A 266 -9.98 10.71 -5.64
N LEU A 267 -10.41 11.97 -5.60
CA LEU A 267 -9.66 13.05 -6.21
C LEU A 267 -8.24 13.09 -5.63
N ILE A 268 -8.15 13.06 -4.30
CA ILE A 268 -6.88 13.14 -3.57
C ILE A 268 -5.93 12.00 -3.98
N LEU A 269 -6.44 10.77 -3.96
CA LEU A 269 -5.66 9.61 -4.39
C LEU A 269 -5.18 9.75 -5.83
N ALA A 270 -6.10 10.12 -6.72
CA ALA A 270 -5.78 10.28 -8.13
C ALA A 270 -4.68 11.34 -8.33
N LEU A 271 -4.73 12.42 -7.53
CA LEU A 271 -3.69 13.47 -7.60
C LEU A 271 -2.32 12.99 -7.12
N TRP A 272 -2.32 12.23 -6.03
CA TRP A 272 -1.09 11.64 -5.50
C TRP A 272 -0.43 10.77 -6.51
N TYR A 273 -1.20 9.87 -7.12
CA TYR A 273 -0.62 8.92 -8.06
C TYR A 273 -0.19 9.52 -9.39
N THR A 274 -0.81 10.64 -9.76
CA THR A 274 -0.42 11.36 -10.98
C THR A 274 0.90 12.09 -10.76
N ASN A 275 1.17 12.54 -9.54
CA ASN A 275 2.49 13.06 -9.19
C ASN A 275 3.00 12.66 -7.81
N CYS A 276 3.59 11.48 -7.73
CA CYS A 276 3.99 10.93 -6.45
C CYS A 276 5.37 11.46 -5.99
N LYS A 277 5.96 12.37 -6.74
CA LYS A 277 7.32 12.85 -6.42
C LYS A 277 7.32 14.09 -5.54
N GLU A 278 6.15 14.67 -5.31
CA GLU A 278 6.02 15.82 -4.41
C GLU A 278 4.86 15.64 -3.43
N ALA A 279 4.92 16.38 -2.35
CA ALA A 279 3.86 16.36 -1.34
C ALA A 279 2.59 16.98 -1.93
N LEU A 280 1.49 16.27 -1.75
CA LEU A 280 0.18 16.79 -2.09
C LEU A 280 -0.34 17.64 -0.93
N THR A 281 -0.67 18.90 -1.23
CA THR A 281 -1.13 19.87 -0.24
C THR A 281 -2.56 20.31 -0.56
N PRO A 282 -3.28 20.88 0.44
CA PRO A 282 -4.61 21.46 0.21
C PRO A 282 -4.61 22.47 -0.96
N GLN A 283 -3.58 23.32 -1.00
CA GLN A 283 -3.41 24.31 -2.07
C GLN A 283 -3.36 23.67 -3.45
N LYS A 284 -2.75 22.49 -3.55
CA LYS A 284 -2.70 21.77 -4.82
C LYS A 284 -4.05 21.18 -5.19
N CYS A 285 -4.82 20.73 -4.20
CA CYS A 285 -6.10 20.05 -4.46
C CYS A 285 -7.22 21.00 -4.85
N ILE A 286 -7.23 22.17 -4.21
CA ILE A 286 -8.35 23.12 -4.31
C ILE A 286 -8.70 23.53 -5.75
N PRO A 287 -7.71 23.82 -6.62
CA PRO A 287 -8.06 24.16 -8.00
C PRO A 287 -8.66 23.00 -8.80
N HIS A 288 -8.51 21.76 -8.30
CA HIS A 288 -9.10 20.60 -8.97
C HIS A 288 -10.46 20.24 -8.47
N ILE A 289 -10.95 20.99 -7.48
CA ILE A 289 -12.33 20.81 -7.01
C ILE A 289 -13.23 21.78 -7.80
N ILE A 290 -13.99 21.24 -8.75
CA ILE A 290 -14.82 22.06 -9.65
C ILE A 290 -16.27 21.63 -9.52
N VAL A 291 -17.06 22.50 -8.89
CA VAL A 291 -18.48 22.26 -8.67
C VAL A 291 -19.15 23.62 -8.46
N ARG A 292 -20.36 23.78 -8.99
CA ARG A 292 -21.11 25.04 -8.86
C ARG A 292 -21.62 25.23 -7.45
N GLY A 293 -21.79 26.50 -7.07
CA GLY A 293 -22.47 26.83 -5.84
C GLY A 293 -21.64 27.03 -4.61
N LEU A 294 -22.32 27.45 -3.54
CA LEU A 294 -21.71 27.62 -2.23
C LEU A 294 -21.15 26.30 -1.68
N VAL A 295 -21.64 25.18 -2.19
CA VAL A 295 -21.19 23.88 -1.71
C VAL A 295 -19.69 23.70 -1.97
N ARG A 296 -19.17 24.35 -3.01
CA ARG A 296 -17.73 24.32 -3.29
C ARG A 296 -16.94 24.75 -2.07
N ILE A 297 -17.46 25.72 -1.34
CA ILE A 297 -16.83 26.22 -0.11
C ILE A 297 -16.74 25.09 0.91
N ARG A 298 -17.84 24.37 1.10
CA ARG A 298 -17.89 23.20 1.99
C ARG A 298 -16.84 22.16 1.59
N CYS A 299 -16.77 21.85 0.29
CA CYS A 299 -15.78 20.92 -0.27
C CYS A 299 -14.34 21.31 0.03
N VAL A 300 -14.01 22.57 -0.23
CA VAL A 300 -12.68 23.09 0.03
C VAL A 300 -12.33 23.02 1.53
N GLN A 301 -13.33 23.31 2.37
CA GLN A 301 -13.16 23.24 3.81
C GLN A 301 -12.99 21.79 4.31
N GLU A 302 -13.47 20.82 3.54
CA GLU A 302 -13.37 19.41 3.91
C GLU A 302 -12.11 18.70 3.41
N VAL A 303 -11.62 19.13 2.24
CA VAL A 303 -10.52 18.44 1.58
C VAL A 303 -9.27 18.41 2.46
N GLU A 304 -9.10 19.43 3.30
CA GLU A 304 -7.96 19.52 4.20
C GLU A 304 -7.94 18.41 5.26
N ARG A 305 -9.07 18.20 5.95
CA ARG A 305 -9.19 17.13 6.95
C ARG A 305 -9.01 15.76 6.31
N ILE A 306 -9.62 15.57 5.13
CA ILE A 306 -9.51 14.31 4.41
C ILE A 306 -8.07 14.05 3.98
N LEU A 307 -7.38 15.11 3.55
CA LEU A 307 -5.99 14.97 3.11
C LEU A 307 -5.07 14.59 4.27
N TYR A 308 -5.30 15.19 5.44
CA TYR A 308 -4.49 14.89 6.61
C TYR A 308 -4.69 13.46 7.11
N PHE A 309 -5.93 12.98 7.01
CA PHE A 309 -6.27 11.61 7.35
C PHE A 309 -5.55 10.61 6.45
N MET A 310 -5.65 10.81 5.13
CA MET A 310 -5.01 9.93 4.15
C MET A 310 -3.50 9.98 4.26
N THR A 311 -2.97 11.12 4.68
CA THR A 311 -1.55 11.25 4.94
C THR A 311 -1.16 10.39 6.14
N ARG A 312 -1.81 10.63 7.28
CA ARG A 312 -1.51 9.90 8.51
C ARG A 312 -1.58 8.39 8.29
N LYS A 313 -2.61 7.94 7.57
CA LYS A 313 -2.81 6.52 7.32
C LYS A 313 -1.82 5.92 6.33
N GLY A 314 -1.13 6.78 5.58
CA GLY A 314 -0.09 6.32 4.65
C GLY A 314 -0.53 6.04 3.22
N LEU A 315 -1.68 6.60 2.82
CA LEU A 315 -2.19 6.38 1.46
C LEU A 315 -1.56 7.36 0.47
N ILE A 316 -1.16 8.53 0.97
CA ILE A 316 -0.54 9.55 0.11
C ILE A 316 0.63 10.14 0.87
N ASN A 317 1.43 10.96 0.18
CA ASN A 317 2.54 11.68 0.81
C ASN A 317 3.48 10.72 1.55
N THR A 318 3.86 9.66 0.86
CA THR A 318 4.53 8.54 1.49
C THR A 318 5.68 8.02 0.61
N GLY A 319 6.15 6.80 0.89
CA GLY A 319 7.31 6.29 0.15
C GLY A 319 8.58 7.03 0.55
N VAL A 320 9.38 7.42 -0.43
CA VAL A 320 10.66 8.09 -0.11
C VAL A 320 10.56 9.61 -0.17
N LEU A 321 9.33 10.12 -0.21
CA LEU A 321 9.10 11.54 -0.08
C LEU A 321 9.72 12.00 1.23
N SER A 322 10.44 13.11 1.14
CA SER A 322 11.11 13.71 2.28
C SER A 322 10.75 15.18 2.28
N VAL A 323 10.38 15.73 3.44
CA VAL A 323 9.95 17.12 3.52
C VAL A 323 10.71 17.94 4.55
N GLY A 324 11.02 19.19 4.20
CA GLY A 324 11.75 20.11 5.07
C GLY A 324 10.94 20.58 6.28
N ALA A 325 11.65 21.14 7.26
CA ALA A 325 11.05 21.60 8.52
C ALA A 325 9.85 22.51 8.33
N ASP A 326 9.91 23.37 7.33
CA ASP A 326 8.84 24.32 7.00
C ASP A 326 7.68 23.67 6.23
N GLN A 327 7.79 22.37 5.96
CA GLN A 327 6.87 21.67 5.06
C GLN A 327 6.30 20.36 5.62
N TYR A 328 6.22 20.24 6.95
CA TYR A 328 5.70 19.02 7.59
C TYR A 328 4.29 18.65 7.13
N LEU A 329 4.02 17.34 7.07
CA LEU A 329 2.81 16.84 6.41
C LEU A 329 1.55 16.87 7.27
N LEU A 330 1.71 16.93 8.59
CA LEU A 330 0.55 17.06 9.48
C LEU A 330 0.64 18.36 10.28
N PRO A 331 -0.52 18.95 10.68
CA PRO A 331 -0.48 20.20 11.44
C PRO A 331 0.20 20.05 12.80
N LYS A 332 0.54 21.18 13.42
CA LYS A 332 1.31 21.22 14.68
C LYS A 332 0.70 20.42 15.84
N ASP A 333 -0.61 20.19 15.79
CA ASP A 333 -1.31 19.45 16.84
C ASP A 333 -0.91 17.96 16.93
N TYR A 334 -0.22 17.47 15.91
CA TYR A 334 0.32 16.11 15.90
C TYR A 334 1.78 16.07 16.35
N HIS A 335 2.44 17.23 16.29
CA HIS A 335 3.90 17.37 16.46
C HIS A 335 4.41 17.16 17.86
N ASN A 336 3.57 17.34 18.85
CA ASN A 336 4.00 17.34 20.25
C ASN A 336 4.23 15.96 20.87
N LYS A 337 5.01 15.11 20.19
CA LYS A 337 5.44 13.83 20.77
C LYS A 337 6.83 13.36 20.30
N SER A 338 7.39 12.42 21.04
CA SER A 338 8.72 11.88 20.75
C SER A 338 8.67 10.36 20.68
N VAL A 339 9.44 9.79 19.76
CA VAL A 339 9.45 8.35 19.54
C VAL A 339 10.88 7.84 19.40
N ILE A 340 11.13 6.69 20.02
CA ILE A 340 12.36 5.92 19.78
C ILE A 340 11.96 4.69 18.99
N ILE A 341 12.60 4.50 17.84
CA ILE A 341 12.40 3.31 17.04
C ILE A 341 13.65 2.45 17.12
N ILE A 342 13.43 1.19 17.43
CA ILE A 342 14.52 0.25 17.63
C ILE A 342 14.60 -0.59 16.37
N GLY A 343 15.73 -0.46 15.67
CA GLY A 343 15.96 -1.17 14.41
C GLY A 343 15.80 -0.26 13.22
N ALA A 344 16.78 -0.30 12.32
CA ALA A 344 16.74 0.50 11.11
C ALA A 344 16.70 -0.38 9.85
N GLY A 345 15.82 -1.38 9.88
CA GLY A 345 15.44 -2.16 8.70
C GLY A 345 14.27 -1.47 8.01
N PRO A 346 13.67 -2.11 6.98
CA PRO A 346 12.54 -1.54 6.25
C PRO A 346 11.39 -1.04 7.15
N ALA A 347 11.08 -1.79 8.20
CA ALA A 347 9.97 -1.46 9.10
C ALA A 347 10.28 -0.25 9.95
N GLY A 348 11.44 -0.28 10.59
CA GLY A 348 11.89 0.85 11.40
C GLY A 348 12.08 2.13 10.61
N LEU A 349 12.68 2.03 9.43
CA LEU A 349 12.89 3.22 8.58
C LEU A 349 11.61 3.78 7.97
N ALA A 350 10.65 2.89 7.69
CA ALA A 350 9.35 3.31 7.15
C ALA A 350 8.62 4.16 8.19
N ALA A 351 8.57 3.65 9.42
CA ALA A 351 7.97 4.36 10.53
C ALA A 351 8.66 5.68 10.78
N ALA A 352 10.00 5.65 10.81
CA ALA A 352 10.81 6.85 11.04
C ALA A 352 10.62 7.89 9.95
N ARG A 353 10.62 7.46 8.70
CA ARG A 353 10.32 8.31 7.55
C ARG A 353 8.91 8.96 7.66
N GLN A 354 7.91 8.15 7.97
CA GLN A 354 6.54 8.65 8.13
C GLN A 354 6.42 9.69 9.25
N LEU A 355 6.90 9.33 10.44
CA LEU A 355 6.81 10.18 11.61
C LEU A 355 7.62 11.47 11.48
N HIS A 356 8.85 11.36 10.98
CA HIS A 356 9.65 12.54 10.67
C HIS A 356 8.94 13.45 9.71
N ASN A 357 8.41 12.89 8.62
CA ASN A 357 7.68 13.71 7.66
C ASN A 357 6.43 14.38 8.26
N PHE A 358 5.81 13.72 9.23
CA PHE A 358 4.62 14.26 9.90
C PHE A 358 4.95 15.48 10.78
N GLY A 359 6.21 15.56 11.23
CA GLY A 359 6.65 16.64 12.12
C GLY A 359 6.86 16.18 13.55
N ILE A 360 6.84 14.87 13.76
CA ILE A 360 7.07 14.24 15.06
C ILE A 360 8.57 13.96 15.25
N LYS A 361 9.01 14.07 16.49
CA LYS A 361 10.41 13.90 16.86
C LYS A 361 10.77 12.41 16.96
N VAL A 362 11.74 11.99 16.16
CA VAL A 362 12.10 10.58 16.01
C VAL A 362 13.60 10.35 16.15
N THR A 363 13.96 9.32 16.90
CA THR A 363 15.33 8.83 17.01
C THR A 363 15.31 7.34 16.74
N VAL A 364 16.13 6.88 15.79
CA VAL A 364 16.26 5.45 15.61
C VAL A 364 17.56 4.87 16.18
N LEU A 365 17.44 3.74 16.87
CA LEU A 365 18.59 3.05 17.43
C LEU A 365 18.82 1.73 16.69
N GLU A 366 19.98 1.60 16.07
CA GLU A 366 20.31 0.41 15.29
C GLU A 366 21.50 -0.30 15.92
N ALA A 367 21.35 -1.61 16.12
CA ALA A 367 22.39 -2.43 16.76
C ALA A 367 23.68 -2.50 15.92
N LYS A 368 23.54 -2.67 14.61
CA LYS A 368 24.68 -2.93 13.72
C LYS A 368 25.38 -1.64 13.27
N ASP A 369 26.50 -1.81 12.56
CA ASP A 369 27.27 -0.69 12.01
C ASP A 369 26.72 -0.20 10.67
N ARG A 370 25.54 -0.70 10.31
CA ARG A 370 24.87 -0.31 9.07
C ARG A 370 23.37 -0.37 9.25
N ILE A 371 22.66 0.40 8.43
CA ILE A 371 21.21 0.35 8.37
C ILE A 371 20.82 -0.67 7.33
N GLY A 372 19.55 -1.07 7.32
CA GLY A 372 19.05 -1.97 6.29
C GLY A 372 18.49 -3.29 6.76
N GLY A 373 19.05 -3.84 7.85
CA GLY A 373 18.63 -5.16 8.34
C GLY A 373 18.84 -6.27 7.32
N ARG A 374 17.75 -6.93 6.95
CA ARG A 374 17.82 -8.00 5.96
C ARG A 374 17.85 -7.48 4.52
N VAL A 375 17.93 -6.16 4.37
CA VAL A 375 18.38 -5.54 3.13
C VAL A 375 19.85 -5.19 3.30
N TRP A 376 20.70 -5.84 2.51
CA TRP A 376 22.13 -5.58 2.50
C TRP A 376 22.69 -5.91 1.15
N ASP A 377 23.05 -4.88 0.39
CA ASP A 377 23.50 -5.09 -0.98
C ASP A 377 25.02 -5.04 -1.12
N ASP A 378 25.54 -5.87 -2.02
CA ASP A 378 26.94 -5.83 -2.40
C ASP A 378 27.05 -5.20 -3.78
N LYS A 379 27.68 -4.04 -3.83
CA LYS A 379 27.77 -3.24 -5.06
C LYS A 379 29.17 -3.30 -5.68
N SER A 380 30.01 -4.21 -5.17
CA SER A 380 31.38 -4.32 -5.65
C SER A 380 31.55 -5.34 -6.78
N PHE A 381 30.44 -6.01 -7.12
CA PHE A 381 30.40 -6.85 -8.30
C PHE A 381 30.38 -5.95 -9.52
N LYS A 382 31.29 -6.22 -10.44
CA LYS A 382 31.49 -5.37 -11.62
C LYS A 382 30.18 -5.13 -12.38
N GLY A 383 29.66 -3.91 -12.29
CA GLY A 383 28.47 -3.48 -13.04
C GLY A 383 27.14 -4.12 -12.64
N VAL A 384 27.10 -4.72 -11.44
CA VAL A 384 25.93 -5.47 -10.96
C VAL A 384 25.76 -5.17 -9.44
N THR A 385 24.51 -5.07 -8.99
CA THR A 385 24.21 -5.02 -7.56
C THR A 385 23.59 -6.37 -7.17
N VAL A 386 24.19 -7.02 -6.17
CA VAL A 386 23.72 -8.32 -5.70
C VAL A 386 23.36 -8.21 -4.22
N GLY A 387 22.09 -8.44 -3.90
CA GLY A 387 21.64 -8.45 -2.52
C GLY A 387 22.09 -9.70 -1.77
N ARG A 388 22.67 -9.51 -0.59
CA ARG A 388 22.92 -10.62 0.34
C ARG A 388 21.61 -11.06 0.98
N GLY A 389 20.68 -10.11 1.08
CA GLY A 389 19.33 -10.37 1.58
C GLY A 389 18.29 -10.18 0.51
N ALA A 390 17.27 -9.37 0.79
CA ALA A 390 16.14 -9.21 -0.13
C ALA A 390 16.57 -8.63 -1.48
N GLN A 391 15.90 -9.05 -2.56
CA GLN A 391 16.09 -8.41 -3.87
C GLN A 391 14.91 -8.59 -4.82
N ILE A 392 13.99 -9.48 -4.50
CA ILE A 392 12.84 -9.73 -5.33
C ILE A 392 11.57 -8.98 -4.87
N VAL A 393 10.79 -8.50 -5.83
CA VAL A 393 9.50 -7.86 -5.52
C VAL A 393 8.38 -8.77 -6.03
N ASN A 394 7.62 -9.33 -5.09
CA ASN A 394 6.55 -10.28 -5.41
C ASN A 394 5.20 -9.58 -5.57
N GLY A 395 4.83 -9.22 -6.80
CA GLY A 395 3.55 -8.51 -7.03
C GLY A 395 3.67 -7.00 -6.98
N CYS A 396 3.86 -6.38 -8.13
CA CYS A 396 4.16 -4.95 -8.19
C CYS A 396 2.97 -4.00 -8.15
N ILE A 397 1.78 -4.49 -8.53
CA ILE A 397 0.61 -3.62 -8.60
C ILE A 397 0.23 -3.16 -7.20
N ASN A 398 0.17 -1.82 -7.04
CA ASN A 398 -0.08 -1.13 -5.78
C ASN A 398 0.98 -1.36 -4.70
N ASN A 399 2.12 -1.94 -5.07
CA ASN A 399 3.18 -2.27 -4.14
C ASN A 399 3.97 -1.01 -3.82
N PRO A 400 4.08 -0.67 -2.53
CA PRO A 400 4.81 0.52 -2.11
C PRO A 400 6.20 0.55 -2.69
N VAL A 401 6.82 -0.61 -2.87
CA VAL A 401 8.13 -0.71 -3.50
C VAL A 401 8.11 -0.18 -4.94
N ALA A 402 7.06 -0.50 -5.68
CA ALA A 402 6.91 0.03 -7.04
C ALA A 402 6.69 1.54 -7.02
N LEU A 403 5.92 2.03 -6.04
CA LEU A 403 5.72 3.46 -5.86
C LEU A 403 7.08 4.13 -5.66
N MET A 404 7.90 3.52 -4.80
CA MET A 404 9.20 4.10 -4.46
C MET A 404 10.20 4.05 -5.63
N CYS A 405 10.11 3.00 -6.44
CA CYS A 405 10.90 2.93 -7.69
C CYS A 405 10.52 4.06 -8.66
N GLU A 406 9.22 4.35 -8.76
CA GLU A 406 8.75 5.49 -9.55
C GLU A 406 9.33 6.79 -9.02
N GLN A 407 9.25 6.99 -7.71
CA GLN A 407 9.77 8.21 -7.08
C GLN A 407 11.27 8.38 -7.31
N LEU A 408 11.99 7.27 -7.34
CA LEU A 408 13.42 7.30 -7.52
C LEU A 408 13.84 7.24 -8.97
N GLY A 409 12.88 6.98 -9.86
CA GLY A 409 13.16 6.84 -11.28
C GLY A 409 14.01 5.62 -11.62
N ILE A 410 13.83 4.53 -10.86
CA ILE A 410 14.59 3.32 -11.11
C ILE A 410 13.69 2.24 -11.70
N SER A 411 14.30 1.33 -12.47
CA SER A 411 13.56 0.30 -13.16
C SER A 411 13.71 -1.05 -12.48
N MET A 412 12.70 -1.88 -12.59
CA MET A 412 12.76 -3.25 -12.12
C MET A 412 12.75 -4.16 -13.32
N HIS A 413 13.22 -5.40 -13.14
CA HIS A 413 13.17 -6.36 -14.24
C HIS A 413 12.16 -7.43 -14.01
N LYS A 414 11.13 -7.49 -14.85
CA LYS A 414 10.12 -8.54 -14.75
C LYS A 414 10.70 -9.90 -15.16
N PHE A 415 10.55 -10.91 -14.30
CA PHE A 415 11.11 -12.24 -14.58
C PHE A 415 10.41 -12.89 -15.77
N GLY A 416 11.18 -13.52 -16.64
CA GLY A 416 10.61 -14.40 -17.68
C GLY A 416 9.99 -15.62 -17.03
N GLU A 417 9.20 -16.37 -17.79
CA GLU A 417 8.53 -17.57 -17.26
C GLU A 417 9.44 -18.79 -17.28
N ARG A 418 10.37 -18.82 -18.23
CA ARG A 418 11.19 -20.00 -18.45
C ARG A 418 12.18 -20.28 -17.32
N CYS A 419 12.06 -21.48 -16.75
CA CYS A 419 13.00 -22.00 -15.78
C CYS A 419 13.21 -23.48 -16.03
N ASP A 420 14.17 -23.82 -16.90
CA ASP A 420 14.54 -25.21 -17.15
C ASP A 420 15.10 -25.88 -15.91
N LEU A 421 14.67 -27.12 -15.68
CA LEU A 421 15.19 -27.94 -14.60
C LEU A 421 16.34 -28.80 -15.11
N ILE A 422 17.56 -28.40 -14.76
CA ILE A 422 18.75 -29.07 -15.25
C ILE A 422 19.15 -30.18 -14.28
N GLN A 423 19.37 -31.38 -14.82
CA GLN A 423 19.82 -32.51 -14.04
C GLN A 423 21.33 -32.54 -13.96
N GLU A 424 21.85 -33.10 -12.87
CA GLU A 424 23.21 -33.58 -12.83
C GLU A 424 23.21 -34.86 -13.66
N GLY A 425 24.00 -34.94 -14.72
CA GLY A 425 24.86 -33.86 -15.17
C GLY A 425 24.60 -33.54 -16.63
N GLY A 426 23.80 -32.50 -16.86
CA GLY A 426 23.64 -31.94 -18.21
C GLY A 426 22.24 -31.95 -18.77
N ARG A 427 21.48 -33.00 -18.49
CA ARG A 427 20.17 -33.19 -19.13
C ARG A 427 19.13 -32.16 -18.71
N ILE A 428 18.55 -31.49 -19.70
CA ILE A 428 17.45 -30.58 -19.46
C ILE A 428 16.16 -31.40 -19.36
N THR A 429 15.48 -31.27 -18.23
CA THR A 429 14.27 -32.06 -17.97
C THR A 429 13.16 -31.71 -18.95
N ASP A 430 12.46 -32.74 -19.39
CA ASP A 430 11.28 -32.63 -20.24
C ASP A 430 10.25 -31.75 -19.53
N PRO A 431 9.84 -30.63 -20.16
CA PRO A 431 8.89 -29.71 -19.52
C PRO A 431 7.60 -30.36 -19.06
N THR A 432 7.18 -31.43 -19.73
CA THR A 432 5.96 -32.15 -19.37
C THR A 432 6.12 -32.89 -18.04
N ILE A 433 7.33 -33.35 -17.75
CA ILE A 433 7.63 -33.97 -16.45
C ILE A 433 7.57 -32.92 -15.35
N ASP A 434 8.19 -31.77 -15.61
CA ASP A 434 8.16 -30.62 -14.71
C ASP A 434 6.72 -30.26 -14.34
N LYS A 435 5.90 -29.99 -15.35
CA LYS A 435 4.49 -29.62 -15.20
C LYS A 435 3.66 -30.71 -14.50
N ARG A 436 3.93 -31.98 -14.84
CA ARG A 436 3.21 -33.11 -14.26
C ARG A 436 3.41 -33.21 -12.75
N MET A 437 4.67 -33.18 -12.32
CA MET A 437 5.00 -33.27 -10.90
C MET A 437 4.58 -32.04 -10.11
N ASP A 438 4.60 -30.87 -10.77
CA ASP A 438 4.09 -29.64 -10.19
C ASP A 438 2.59 -29.77 -9.91
N PHE A 439 1.87 -30.32 -10.89
CA PHE A 439 0.45 -30.61 -10.76
C PHE A 439 0.17 -31.52 -9.55
N HIS A 440 0.96 -32.59 -9.43
CA HIS A 440 0.80 -33.53 -8.31
C HIS A 440 1.16 -32.94 -6.98
N PHE A 441 2.20 -32.10 -6.93
CA PHE A 441 2.58 -31.44 -5.69
C PHE A 441 1.46 -30.54 -5.18
N ASN A 442 0.87 -29.76 -6.10
CA ASN A 442 -0.27 -28.91 -5.79
C ASN A 442 -1.53 -29.68 -5.42
N ALA A 443 -1.72 -30.84 -6.05
CA ALA A 443 -2.78 -31.77 -5.65
C ALA A 443 -2.61 -32.20 -4.19
N LEU A 444 -1.39 -32.55 -3.81
CA LEU A 444 -1.07 -32.91 -2.43
C LEU A 444 -1.41 -31.79 -1.45
N LEU A 445 -1.11 -30.55 -1.85
CA LEU A 445 -1.46 -29.38 -1.05
C LEU A 445 -2.97 -29.18 -0.99
N ASP A 446 -3.66 -29.44 -2.10
CA ASP A 446 -5.12 -29.30 -2.16
C ASP A 446 -5.85 -30.20 -1.15
N VAL A 447 -5.39 -31.43 -1.01
CA VAL A 447 -6.00 -32.37 -0.07
C VAL A 447 -5.66 -32.00 1.38
N VAL A 448 -4.51 -31.35 1.59
CA VAL A 448 -4.18 -30.80 2.90
C VAL A 448 -5.22 -29.74 3.31
N SER A 449 -5.62 -28.91 2.35
CA SER A 449 -6.62 -27.86 2.62
C SER A 449 -8.03 -28.42 2.78
N GLU A 450 -8.19 -29.72 2.52
CA GLU A 450 -9.44 -30.40 2.80
C GLU A 450 -9.39 -30.94 4.22
N TRP A 451 -8.27 -31.59 4.54
CA TRP A 451 -8.02 -32.17 5.85
C TRP A 451 -8.08 -31.17 6.96
N ARG A 452 -7.65 -29.93 6.69
CA ARG A 452 -7.52 -28.88 7.72
C ARG A 452 -8.85 -28.27 8.18
N LYS A 453 -9.86 -28.33 7.30
CA LYS A 453 -11.15 -27.68 7.52
C LYS A 453 -11.85 -27.97 8.86
N ASP A 454 -11.59 -29.13 9.43
CA ASP A 454 -12.20 -29.52 10.71
C ASP A 454 -11.16 -29.73 11.83
N LYS A 455 -10.00 -29.09 11.70
CA LYS A 455 -8.95 -29.20 12.71
C LYS A 455 -8.72 -27.90 13.47
N THR A 456 -8.39 -28.02 14.74
CA THR A 456 -8.08 -26.89 15.59
C THR A 456 -6.56 -26.82 15.75
N GLN A 457 -6.09 -25.72 16.34
CA GLN A 457 -4.66 -25.56 16.64
C GLN A 457 -4.09 -26.72 17.47
N LEU A 458 -4.91 -27.26 18.36
CA LEU A 458 -4.50 -28.38 19.21
C LEU A 458 -4.31 -29.67 18.40
N GLN A 459 -4.88 -29.70 17.19
CA GLN A 459 -4.84 -30.85 16.30
C GLN A 459 -3.92 -30.67 15.08
N ASP A 460 -3.05 -29.66 15.12
CA ASP A 460 -2.26 -29.30 13.96
C ASP A 460 -1.12 -30.30 13.75
N VAL A 461 -0.90 -30.70 12.50
CA VAL A 461 0.22 -31.59 12.18
C VAL A 461 1.19 -30.89 11.23
N PRO A 462 2.46 -31.32 11.21
CA PRO A 462 3.38 -30.69 10.27
C PRO A 462 2.89 -30.86 8.83
N LEU A 463 2.97 -29.79 8.06
CA LEU A 463 2.62 -29.84 6.65
C LEU A 463 3.39 -30.96 5.93
N GLY A 464 4.69 -31.03 6.20
CA GLY A 464 5.59 -32.02 5.59
C GLY A 464 5.17 -33.44 5.88
N GLU A 465 4.83 -33.69 7.15
CA GLU A 465 4.31 -34.99 7.57
C GLU A 465 3.01 -35.33 6.84
N LYS A 466 2.11 -34.35 6.75
CA LYS A 466 0.83 -34.55 6.08
C LYS A 466 0.97 -34.79 4.57
N ILE A 467 1.90 -34.08 3.93
CA ILE A 467 2.18 -34.29 2.50
C ILE A 467 2.70 -35.71 2.23
N GLU A 468 3.70 -36.13 3.01
CA GLU A 468 4.35 -37.42 2.85
C GLU A 468 3.36 -38.57 3.06
N GLU A 469 2.44 -38.36 3.99
CA GLU A 469 1.36 -39.28 4.31
C GLU A 469 0.35 -39.43 3.15
N ILE A 470 -0.08 -38.29 2.60
CA ILE A 470 -1.03 -38.28 1.48
C ILE A 470 -0.41 -38.82 0.20
N TYR A 471 0.89 -38.56 0.01
CA TYR A 471 1.64 -39.07 -1.13
C TYR A 471 1.66 -40.61 -1.15
N LYS A 472 2.09 -41.20 -0.04
CA LYS A 472 2.13 -42.66 0.13
C LYS A 472 0.75 -43.30 -0.01
N ALA A 473 -0.28 -42.61 0.46
CA ALA A 473 -1.66 -43.07 0.32
C ALA A 473 -2.13 -43.06 -1.13
N PHE A 474 -1.66 -42.08 -1.89
CA PHE A 474 -1.96 -41.96 -3.32
C PHE A 474 -1.16 -42.98 -4.15
N ILE A 475 0.11 -43.16 -3.78
CA ILE A 475 0.99 -44.14 -4.43
C ILE A 475 0.44 -45.56 -4.25
N LYS A 476 -0.04 -45.86 -3.04
CA LYS A 476 -0.53 -47.19 -2.72
C LYS A 476 -1.89 -47.49 -3.35
N GLU A 477 -2.83 -46.54 -3.25
CA GLU A 477 -4.19 -46.75 -3.76
C GLU A 477 -4.18 -47.06 -5.26
N SER A 478 -3.91 -46.05 -6.08
CA SER A 478 -3.64 -46.27 -7.50
C SER A 478 -2.17 -46.61 -7.62
N GLY A 479 -1.88 -47.82 -8.08
CA GLY A 479 -0.51 -48.36 -8.09
C GLY A 479 0.44 -47.74 -9.10
N ILE A 480 0.26 -46.44 -9.35
CA ILE A 480 1.15 -45.69 -10.24
C ILE A 480 2.53 -45.53 -9.60
N GLN A 481 3.56 -46.05 -10.27
CA GLN A 481 4.94 -45.83 -9.84
C GLN A 481 5.54 -44.73 -10.69
N PHE A 482 6.12 -43.72 -10.03
CA PHE A 482 6.85 -42.67 -10.73
C PHE A 482 8.30 -43.09 -10.92
N SER A 483 8.90 -42.66 -12.03
CA SER A 483 10.31 -42.91 -12.31
C SER A 483 11.19 -42.17 -11.30
N GLU A 484 12.45 -42.56 -11.22
CA GLU A 484 13.41 -41.92 -10.32
C GLU A 484 13.48 -40.41 -10.59
N LEU A 485 13.45 -40.04 -11.87
CA LEU A 485 13.46 -38.63 -12.27
C LEU A 485 12.21 -37.89 -11.83
N GLU A 486 11.03 -38.46 -12.08
CA GLU A 486 9.77 -37.85 -11.65
C GLU A 486 9.77 -37.58 -10.14
N GLY A 487 10.31 -38.54 -9.39
CA GLY A 487 10.47 -38.41 -7.95
C GLY A 487 11.44 -37.29 -7.57
N GLN A 488 12.50 -37.14 -8.36
CA GLN A 488 13.48 -36.07 -8.13
C GLN A 488 12.90 -34.69 -8.45
N VAL A 489 12.04 -34.62 -9.46
CA VAL A 489 11.39 -33.36 -9.84
C VAL A 489 10.32 -32.97 -8.81
N LEU A 490 9.66 -33.96 -8.21
CA LEU A 490 8.72 -33.68 -7.13
C LEU A 490 9.48 -33.04 -5.97
N GLN A 491 10.68 -33.54 -5.74
CA GLN A 491 11.60 -33.08 -4.72
C GLN A 491 12.03 -31.61 -4.93
N PHE A 492 12.26 -31.26 -6.19
CA PHE A 492 12.54 -29.87 -6.56
C PHE A 492 11.36 -28.96 -6.18
N HIS A 493 10.15 -29.39 -6.51
CA HIS A 493 8.95 -28.60 -6.24
C HIS A 493 8.72 -28.47 -4.77
N LEU A 494 8.95 -29.56 -4.03
CA LEU A 494 8.90 -29.52 -2.58
C LEU A 494 9.89 -28.48 -2.06
N SER A 495 11.11 -28.49 -2.59
CA SER A 495 12.14 -27.55 -2.12
C SER A 495 11.76 -26.09 -2.37
N ASN A 496 11.00 -25.83 -3.44
CA ASN A 496 10.47 -24.49 -3.70
C ASN A 496 9.54 -23.99 -2.59
N LEU A 497 8.73 -24.89 -2.03
CA LEU A 497 7.87 -24.51 -0.90
C LEU A 497 8.67 -24.31 0.40
N GLU A 498 9.71 -25.12 0.60
CA GLU A 498 10.60 -24.96 1.75
C GLU A 498 11.35 -23.63 1.66
N TYR A 499 11.69 -23.26 0.43
CA TYR A 499 12.29 -21.99 0.10
C TYR A 499 11.35 -20.84 0.50
N ALA A 500 10.10 -20.91 0.05
CA ALA A 500 9.10 -19.88 0.33
C ALA A 500 8.83 -19.76 1.83
N CYS A 501 8.81 -20.90 2.53
CA CYS A 501 8.56 -20.92 3.98
C CYS A 501 9.78 -20.58 4.83
N GLY A 502 10.98 -20.80 4.27
CA GLY A 502 12.21 -20.65 5.03
C GLY A 502 12.47 -21.81 5.98
N SER A 503 11.87 -22.96 5.69
CA SER A 503 11.98 -24.13 6.59
C SER A 503 11.64 -25.43 5.90
N ASN A 504 12.32 -26.51 6.30
CA ASN A 504 11.81 -27.85 6.05
C ASN A 504 10.35 -27.88 6.48
N LEU A 505 9.51 -28.56 5.70
CA LEU A 505 8.07 -28.53 5.93
C LEU A 505 7.59 -29.33 7.15
N HIS A 506 8.51 -30.04 7.81
CA HIS A 506 8.17 -30.75 9.04
C HIS A 506 8.10 -29.85 10.24
N GLN A 507 8.57 -28.61 10.10
CA GLN A 507 8.40 -27.60 11.14
C GLN A 507 7.24 -26.63 10.88
N VAL A 508 6.60 -26.71 9.71
CA VAL A 508 5.53 -25.76 9.35
C VAL A 508 4.11 -26.31 9.45
N SER A 509 3.21 -25.43 9.87
CA SER A 509 1.83 -25.78 10.14
C SER A 509 1.07 -26.19 8.89
N ALA A 510 0.46 -27.38 8.91
CA ALA A 510 -0.43 -27.79 7.82
C ALA A 510 -1.66 -26.90 7.78
N ARG A 511 -2.18 -26.55 8.96
CA ARG A 511 -3.34 -25.68 9.06
C ARG A 511 -3.10 -24.24 8.55
N SER A 512 -1.94 -23.69 8.85
CA SER A 512 -1.74 -22.25 8.77
C SER A 512 -0.63 -21.76 7.85
N TRP A 513 0.00 -22.66 7.10
CA TRP A 513 1.19 -22.29 6.31
C TRP A 513 0.93 -21.15 5.34
N ASP A 514 -0.24 -21.17 4.71
CA ASP A 514 -0.62 -20.17 3.70
C ASP A 514 -1.77 -19.27 4.19
N HIS A 515 -1.82 -19.04 5.50
CA HIS A 515 -2.87 -18.29 6.17
C HIS A 515 -3.10 -16.93 5.54
N ASN A 516 -2.01 -16.26 5.14
CA ASN A 516 -2.09 -14.89 4.62
C ASN A 516 -2.87 -14.76 3.30
N GLU A 517 -2.99 -15.87 2.57
CA GLU A 517 -3.79 -15.93 1.34
C GLU A 517 -5.27 -15.64 1.57
N PHE A 518 -5.70 -15.64 2.83
CA PHE A 518 -7.06 -15.26 3.19
C PHE A 518 -7.32 -13.80 2.80
N PHE A 519 -6.26 -13.01 2.82
CA PHE A 519 -6.35 -11.58 2.54
C PHE A 519 -5.90 -11.31 1.11
N ALA A 520 -6.39 -10.22 0.53
CA ALA A 520 -6.03 -9.81 -0.82
C ALA A 520 -4.51 -9.60 -0.91
N GLN A 521 -3.91 -10.17 -1.94
CA GLN A 521 -2.47 -10.18 -2.11
C GLN A 521 -2.07 -9.27 -3.28
N PHE A 522 -0.77 -8.97 -3.39
CA PHE A 522 -0.29 -8.07 -4.43
C PHE A 522 -0.33 -8.71 -5.79
N ALA A 523 -1.03 -8.06 -6.71
CA ALA A 523 -1.17 -8.56 -8.07
C ALA A 523 -0.01 -8.11 -8.95
N GLY A 524 0.09 -8.72 -10.12
CA GLY A 524 1.01 -8.25 -11.14
C GLY A 524 2.41 -8.82 -11.08
N ASP A 525 3.33 -8.10 -11.73
CA ASP A 525 4.67 -8.60 -12.00
C ASP A 525 5.44 -9.01 -10.76
N HIS A 526 6.21 -10.07 -10.91
CA HIS A 526 7.28 -10.43 -9.98
C HIS A 526 8.57 -9.98 -10.62
N THR A 527 9.34 -9.19 -9.88
CA THR A 527 10.50 -8.52 -10.45
C THR A 527 11.78 -8.68 -9.64
N LEU A 528 12.90 -8.59 -10.33
CA LEU A 528 14.22 -8.41 -9.72
C LEU A 528 14.43 -6.93 -9.55
N LEU A 529 14.76 -6.51 -8.34
CA LEU A 529 15.06 -5.12 -8.12
C LEU A 529 16.55 -4.92 -8.39
N THR A 530 16.87 -4.69 -9.67
CA THR A 530 18.24 -4.66 -10.17
C THR A 530 19.16 -3.70 -9.40
N PRO A 531 18.73 -2.45 -9.17
CA PRO A 531 19.59 -1.54 -8.40
C PRO A 531 19.68 -1.90 -6.91
N GLY A 532 18.83 -2.83 -6.46
CA GLY A 532 18.82 -3.26 -5.07
C GLY A 532 17.89 -2.45 -4.17
N TYR A 533 17.32 -3.11 -3.17
CA TYR A 533 16.53 -2.46 -2.13
C TYR A 533 17.33 -1.42 -1.35
N SER A 534 18.66 -1.53 -1.34
CA SER A 534 19.50 -0.55 -0.61
C SER A 534 19.26 0.89 -1.05
N VAL A 535 18.96 1.10 -2.33
CA VAL A 535 18.65 2.42 -2.88
C VAL A 535 17.41 3.02 -2.17
N ILE A 536 16.40 2.19 -1.95
CA ILE A 536 15.20 2.61 -1.23
C ILE A 536 15.51 2.87 0.26
N ILE A 537 16.21 1.94 0.88
CA ILE A 537 16.63 2.05 2.27
C ILE A 537 17.41 3.34 2.51
N GLU A 538 18.36 3.65 1.62
CA GLU A 538 19.21 4.83 1.83
C GLU A 538 18.37 6.11 1.76
N LYS A 539 17.42 6.15 0.82
CA LYS A 539 16.52 7.29 0.68
C LYS A 539 15.58 7.47 1.88
N LEU A 540 15.04 6.37 2.40
CA LEU A 540 14.16 6.44 3.56
C LEU A 540 14.91 7.06 4.74
N ALA A 541 16.18 6.67 4.87
CA ALA A 541 17.05 7.04 5.99
C ALA A 541 17.62 8.46 5.95
N GLU A 542 17.72 9.04 4.76
CA GLU A 542 18.41 10.32 4.58
C GLU A 542 17.79 11.47 5.36
N GLY A 543 18.58 12.06 6.26
CA GLY A 543 18.12 13.18 7.07
C GLY A 543 17.52 12.76 8.40
N LEU A 544 17.36 11.47 8.63
CA LEU A 544 16.81 10.99 9.91
C LEU A 544 17.90 10.93 10.97
N ASP A 545 17.50 10.99 12.23
CA ASP A 545 18.43 10.83 13.33
C ASP A 545 18.58 9.34 13.65
N ILE A 546 19.69 8.76 13.19
CA ILE A 546 19.93 7.32 13.36
C ILE A 546 21.21 7.10 14.13
N GLN A 547 21.12 6.32 15.20
CA GLN A 547 22.24 5.97 16.03
C GLN A 547 22.67 4.54 15.73
N LEU A 548 23.77 4.41 15.00
CA LEU A 548 24.32 3.08 14.69
C LEU A 548 25.07 2.53 15.88
N LYS A 549 25.36 1.23 15.84
CA LYS A 549 26.12 0.54 16.90
C LYS A 549 25.56 0.87 18.28
N SER A 550 24.23 0.87 18.37
CA SER A 550 23.52 1.14 19.62
C SER A 550 22.49 0.05 19.84
N PRO A 551 22.96 -1.16 20.22
CA PRO A 551 22.06 -2.28 20.43
C PRO A 551 21.25 -2.06 21.70
N VAL A 552 19.92 -2.09 21.59
CA VAL A 552 19.04 -1.92 22.75
C VAL A 552 19.02 -3.18 23.60
N GLN A 553 19.16 -3.02 24.91
CA GLN A 553 19.08 -4.15 25.83
C GLN A 553 17.89 -4.08 26.80
N CYS A 554 17.46 -2.87 27.13
CA CYS A 554 16.38 -2.69 28.09
C CYS A 554 15.36 -1.64 27.64
N ILE A 555 14.09 -1.99 27.73
CA ILE A 555 12.98 -1.03 27.53
C ILE A 555 12.13 -0.98 28.80
N ASP A 556 12.16 0.15 29.48
CA ASP A 556 11.37 0.34 30.71
C ASP A 556 10.19 1.30 30.47
N TYR A 557 8.97 0.79 30.52
CA TYR A 557 7.78 1.63 30.27
C TYR A 557 6.85 1.70 31.49
N SER A 558 7.46 1.64 32.67
CA SER A 558 6.70 1.67 33.92
C SER A 558 6.47 3.10 34.43
N GLY A 559 7.22 4.05 33.88
CA GLY A 559 7.13 5.44 34.31
C GLY A 559 6.46 6.34 33.31
N ASP A 560 6.68 7.65 33.47
CA ASP A 560 6.06 8.68 32.63
C ASP A 560 6.59 8.67 31.20
N GLU A 561 7.90 8.48 31.06
CA GLU A 561 8.51 8.34 29.74
C GLU A 561 9.16 6.98 29.61
N VAL A 562 9.36 6.53 28.37
CA VAL A 562 10.00 5.24 28.15
C VAL A 562 11.51 5.39 28.34
N GLN A 563 12.10 4.50 29.12
CA GLN A 563 13.55 4.50 29.31
C GLN A 563 14.15 3.39 28.49
N VAL A 564 15.06 3.75 27.58
CA VAL A 564 15.66 2.80 26.64
C VAL A 564 17.17 2.76 26.88
N THR A 565 17.67 1.57 27.20
CA THR A 565 19.08 1.40 27.50
C THR A 565 19.78 0.50 26.48
N THR A 566 20.93 0.95 25.98
CA THR A 566 21.78 0.13 25.09
C THR A 566 22.69 -0.83 25.89
N THR A 567 23.33 -1.76 25.17
CA THR A 567 24.14 -2.81 25.81
C THR A 567 25.40 -2.27 26.49
N ASP A 568 25.82 -1.06 26.11
CA ASP A 568 26.93 -0.40 26.78
C ASP A 568 26.48 0.58 27.89
N GLY A 569 25.17 0.61 28.17
CA GLY A 569 24.62 1.43 29.25
C GLY A 569 24.13 2.83 28.87
N THR A 570 24.19 3.15 27.59
CA THR A 570 23.76 4.47 27.09
C THR A 570 22.22 4.64 27.20
N GLY A 571 21.80 5.80 27.70
CA GLY A 571 20.40 6.04 28.04
C GLY A 571 19.68 6.92 27.05
N TYR A 572 18.48 6.49 26.65
CA TYR A 572 17.62 7.30 25.78
C TYR A 572 16.20 7.30 26.33
N SER A 573 15.47 8.36 26.06
CA SER A 573 14.07 8.40 26.49
C SER A 573 13.13 9.11 25.52
N ALA A 574 11.89 8.64 25.49
CA ALA A 574 10.83 9.27 24.70
C ALA A 574 9.48 8.87 25.28
N GLN A 575 8.43 9.50 24.77
CA GLN A 575 7.07 9.19 25.19
C GLN A 575 6.64 7.82 24.69
N LYS A 576 7.10 7.46 23.48
CA LYS A 576 6.68 6.23 22.83
C LYS A 576 7.86 5.47 22.23
N VAL A 577 7.73 4.14 22.15
CA VAL A 577 8.79 3.30 21.60
C VAL A 577 8.23 2.30 20.61
N LEU A 578 8.88 2.20 19.45
CA LEU A 578 8.52 1.21 18.44
C LEU A 578 9.64 0.19 18.30
N VAL A 579 9.30 -1.07 18.48
CA VAL A 579 10.25 -2.17 18.40
C VAL A 579 10.08 -2.86 17.04
N THR A 580 11.16 -2.92 16.25
CA THR A 580 11.05 -3.58 14.94
C THR A 580 12.09 -4.68 14.75
N VAL A 581 12.63 -5.18 15.87
CA VAL A 581 13.66 -6.23 15.84
C VAL A 581 13.10 -7.52 15.25
N PRO A 582 13.96 -8.35 14.66
CA PRO A 582 13.53 -9.58 14.03
C PRO A 582 12.88 -10.55 15.01
N LEU A 583 11.98 -11.38 14.50
CA LEU A 583 11.27 -12.39 15.32
C LEU A 583 12.20 -13.22 16.21
N ALA A 584 13.30 -13.72 15.63
CA ALA A 584 14.26 -14.53 16.39
C ALA A 584 14.80 -13.80 17.61
N LEU A 585 14.96 -12.48 17.50
CA LEU A 585 15.47 -11.66 18.60
C LEU A 585 14.45 -11.46 19.72
N LEU A 586 13.17 -11.45 19.37
CA LEU A 586 12.10 -11.51 20.38
C LEU A 586 12.03 -12.87 21.04
N GLN A 587 12.14 -13.92 20.24
CA GLN A 587 12.12 -15.28 20.76
C GLN A 587 13.27 -15.59 21.74
N LYS A 588 14.43 -14.95 21.52
CA LYS A 588 15.61 -15.14 22.36
C LYS A 588 15.56 -14.26 23.61
N GLY A 589 14.63 -13.31 23.63
CA GLY A 589 14.51 -12.37 24.76
C GLY A 589 15.69 -11.43 24.87
N ALA A 590 16.29 -11.08 23.73
CA ALA A 590 17.46 -10.19 23.74
C ALA A 590 17.20 -8.83 24.37
N ILE A 591 15.94 -8.38 24.34
CA ILE A 591 15.58 -7.13 24.98
C ILE A 591 14.76 -7.40 26.25
N GLN A 592 15.19 -6.80 27.36
CA GLN A 592 14.45 -6.88 28.61
C GLN A 592 13.34 -5.83 28.64
N PHE A 593 12.11 -6.29 28.77
CA PHE A 593 10.96 -5.39 28.88
C PHE A 593 10.53 -5.27 30.34
N ASN A 594 10.36 -4.05 30.83
CA ASN A 594 9.76 -3.79 32.15
C ASN A 594 8.56 -2.85 32.04
N PRO A 595 7.33 -3.34 32.36
CA PRO A 595 6.93 -4.70 32.72
C PRO A 595 7.13 -5.69 31.58
N PRO A 596 7.21 -7.00 31.90
CA PRO A 596 7.46 -7.98 30.84
C PRO A 596 6.29 -8.08 29.87
N LEU A 597 6.58 -8.60 28.69
CA LEU A 597 5.56 -8.90 27.70
C LEU A 597 4.58 -9.92 28.27
N SER A 598 3.30 -9.77 27.89
CA SER A 598 2.27 -10.69 28.35
C SER A 598 2.52 -12.12 27.89
N GLU A 599 1.98 -13.07 28.64
CA GLU A 599 2.01 -14.47 28.26
C GLU A 599 1.37 -14.68 26.89
N LYS A 600 0.27 -13.97 26.62
CA LYS A 600 -0.41 -14.04 25.34
C LYS A 600 0.51 -13.63 24.19
N LYS A 601 1.27 -12.55 24.37
CA LYS A 601 2.25 -12.10 23.37
C LYS A 601 3.38 -13.08 23.19
N MET A 602 3.90 -13.59 24.31
CA MET A 602 4.98 -14.57 24.28
C MET A 602 4.59 -15.83 23.54
N LYS A 603 3.38 -16.31 23.79
CA LYS A 603 2.84 -17.47 23.08
C LYS A 603 2.74 -17.25 21.56
N ALA A 604 2.33 -16.05 21.17
CA ALA A 604 2.27 -15.68 19.74
C ALA A 604 3.66 -15.62 19.14
N ILE A 605 4.56 -14.93 19.84
CA ILE A 605 5.95 -14.83 19.44
C ILE A 605 6.57 -16.22 19.22
N ASN A 606 6.32 -17.13 20.15
CA ASN A 606 6.90 -18.48 20.08
C ASN A 606 6.18 -19.42 19.12
N SER A 607 4.97 -19.05 18.71
CA SER A 607 4.21 -19.86 17.78
C SER A 607 4.62 -19.66 16.31
N LEU A 608 5.39 -18.61 16.05
CA LEU A 608 5.90 -18.38 14.69
C LEU A 608 7.29 -18.98 14.55
N GLY A 609 7.64 -19.36 13.32
CA GLY A 609 8.98 -19.88 13.02
C GLY A 609 9.95 -18.84 12.51
N ALA A 610 11.19 -18.92 12.97
CA ALA A 610 12.25 -18.07 12.46
C ALA A 610 12.85 -18.72 11.21
N GLY A 611 12.16 -18.62 10.08
CA GLY A 611 12.65 -19.17 8.81
C GLY A 611 14.00 -18.66 8.36
N ILE A 612 14.65 -19.43 7.50
CA ILE A 612 16.03 -19.17 7.13
C ILE A 612 16.32 -19.70 5.74
N ILE A 613 16.95 -18.86 4.93
CA ILE A 613 17.62 -19.28 3.72
C ILE A 613 18.96 -18.57 3.75
N GLU A 614 19.93 -19.05 2.96
CA GLU A 614 21.17 -18.33 2.76
C GLU A 614 21.42 -18.21 1.26
N LYS A 615 22.26 -17.25 0.89
CA LYS A 615 22.57 -17.01 -0.51
C LYS A 615 24.06 -17.15 -0.75
N ILE A 616 24.39 -17.57 -1.97
CA ILE A 616 25.75 -17.51 -2.48
C ILE A 616 25.73 -16.69 -3.76
N ALA A 617 26.70 -15.80 -3.93
CA ALA A 617 26.85 -15.10 -5.21
C ALA A 617 28.25 -15.33 -5.76
N LEU A 618 28.33 -15.56 -7.06
CA LEU A 618 29.60 -15.90 -7.70
C LEU A 618 29.79 -15.04 -8.94
N GLN A 619 30.93 -14.37 -9.04
CA GLN A 619 31.28 -13.64 -10.25
C GLN A 619 32.23 -14.49 -11.10
N PHE A 620 31.97 -14.52 -12.41
CA PHE A 620 32.78 -15.27 -13.35
C PHE A 620 33.45 -14.36 -14.38
N PRO A 621 34.54 -14.84 -15.03
CA PRO A 621 35.18 -13.99 -16.04
C PRO A 621 34.38 -13.89 -17.35
N TYR A 622 33.49 -14.86 -17.58
CA TYR A 622 32.60 -14.83 -18.74
C TYR A 622 31.30 -15.60 -18.48
N ARG A 623 30.28 -15.31 -19.28
CA ARG A 623 28.95 -15.90 -19.11
C ARG A 623 28.86 -17.31 -19.68
N PHE A 624 29.43 -18.27 -18.97
CA PHE A 624 29.56 -19.66 -19.46
C PHE A 624 28.24 -20.36 -19.77
N TRP A 625 27.15 -19.87 -19.18
CA TRP A 625 25.86 -20.56 -19.29
C TRP A 625 25.00 -20.16 -20.47
N ASP A 626 25.43 -19.16 -21.22
CA ASP A 626 24.58 -18.58 -22.26
C ASP A 626 24.12 -19.60 -23.30
N SER A 627 25.02 -20.48 -23.73
CA SER A 627 24.70 -21.50 -24.75
C SER A 627 23.56 -22.42 -24.32
N LYS A 628 23.60 -22.87 -23.07
CA LYS A 628 22.58 -23.79 -22.57
C LYS A 628 21.34 -23.09 -22.01
N VAL A 629 21.51 -21.97 -21.33
CA VAL A 629 20.39 -21.32 -20.64
C VAL A 629 19.60 -20.43 -21.61
N GLN A 630 20.32 -19.81 -22.55
CA GLN A 630 19.73 -19.02 -23.63
C GLN A 630 18.86 -17.86 -23.15
N GLY A 631 19.39 -17.09 -22.20
CA GLY A 631 18.76 -15.86 -21.77
C GLY A 631 17.65 -15.95 -20.75
N ALA A 632 17.30 -17.14 -20.29
CA ALA A 632 16.35 -17.26 -19.17
C ALA A 632 16.91 -16.57 -17.91
N ASP A 633 16.03 -16.05 -17.06
CA ASP A 633 16.46 -15.33 -15.87
C ASP A 633 17.05 -16.25 -14.78
N PHE A 634 16.71 -17.52 -14.86
CA PHE A 634 17.12 -18.49 -13.85
C PHE A 634 17.03 -19.90 -14.42
N PHE A 635 17.71 -20.83 -13.76
CA PHE A 635 17.55 -22.23 -14.08
C PHE A 635 17.48 -23.06 -12.80
N GLY A 636 16.74 -24.15 -12.84
CA GLY A 636 16.61 -25.03 -11.70
C GLY A 636 17.65 -26.13 -11.70
N HIS A 637 17.86 -26.70 -10.50
CA HIS A 637 18.79 -27.79 -10.29
C HIS A 637 18.04 -28.93 -9.66
N VAL A 638 17.87 -30.01 -10.40
CA VAL A 638 17.15 -31.18 -9.90
C VAL A 638 18.00 -31.86 -8.82
N PRO A 639 17.44 -32.03 -7.60
CA PRO A 639 18.23 -32.67 -6.55
C PRO A 639 18.49 -34.15 -6.86
N PRO A 640 19.74 -34.61 -6.68
CA PRO A 640 20.13 -36.01 -6.90
C PRO A 640 19.39 -36.97 -5.95
N SER A 641 19.25 -36.56 -4.69
CA SER A 641 18.55 -37.34 -3.68
C SER A 641 17.85 -36.42 -2.66
N ALA A 642 17.00 -37.01 -1.84
CA ALA A 642 16.29 -36.27 -0.79
C ALA A 642 17.24 -35.50 0.12
N SER A 643 18.41 -36.09 0.38
CA SER A 643 19.43 -35.48 1.24
C SER A 643 20.09 -34.22 0.65
N LYS A 644 19.91 -33.98 -0.65
CA LYS A 644 20.50 -32.81 -1.30
C LYS A 644 19.44 -31.72 -1.63
N ARG A 645 18.19 -31.98 -1.25
CA ARG A 645 17.09 -31.05 -1.48
C ARG A 645 17.39 -29.66 -0.92
N GLY A 646 17.12 -28.62 -1.71
CA GLY A 646 17.36 -27.24 -1.26
C GLY A 646 18.80 -26.79 -1.33
N LEU A 647 19.70 -27.64 -1.84
CA LEU A 647 21.11 -27.26 -1.94
C LEU A 647 21.37 -26.67 -3.32
N PHE A 648 21.33 -25.34 -3.40
CA PHE A 648 21.41 -24.62 -4.69
C PHE A 648 20.34 -25.09 -5.66
N ALA A 649 19.08 -24.97 -5.28
CA ALA A 649 17.97 -25.43 -6.11
C ALA A 649 17.74 -24.58 -7.35
N VAL A 650 18.04 -23.28 -7.26
CA VAL A 650 17.77 -22.34 -8.34
C VAL A 650 18.95 -21.39 -8.44
N PHE A 651 19.41 -21.16 -9.66
CA PHE A 651 20.44 -20.17 -9.90
C PHE A 651 19.82 -19.01 -10.66
N TYR A 652 20.24 -17.80 -10.33
CA TYR A 652 19.66 -16.59 -10.89
C TYR A 652 20.73 -15.87 -11.69
N ASP A 653 20.39 -15.49 -12.93
CA ASP A 653 21.30 -14.67 -13.72
C ASP A 653 21.08 -13.22 -13.29
N MET A 654 22.10 -12.61 -12.69
CA MET A 654 21.93 -11.32 -12.00
C MET A 654 22.08 -10.08 -12.89
N ASP A 655 22.40 -10.27 -14.17
CA ASP A 655 22.37 -9.16 -15.14
C ASP A 655 21.32 -9.39 -16.23
N PRO A 656 20.15 -8.72 -16.11
CA PRO A 656 19.09 -8.88 -17.11
C PRO A 656 19.48 -8.30 -18.47
N GLN A 657 20.51 -7.45 -18.50
CA GLN A 657 21.04 -6.92 -19.75
C GLN A 657 21.95 -7.93 -20.44
N LYS A 658 22.25 -9.02 -19.73
CA LYS A 658 23.02 -10.15 -20.26
C LYS A 658 24.47 -9.81 -20.65
N LYS A 659 25.08 -8.87 -19.95
CA LYS A 659 26.44 -8.44 -20.25
C LYS A 659 27.45 -9.00 -19.24
N HIS A 660 27.15 -8.85 -17.95
CA HIS A 660 28.05 -9.28 -16.91
C HIS A 660 27.76 -10.69 -16.50
N SER A 661 28.70 -11.32 -15.80
CA SER A 661 28.55 -12.72 -15.43
C SER A 661 28.47 -12.95 -13.91
N VAL A 662 27.27 -12.83 -13.38
CA VAL A 662 27.04 -13.10 -11.95
C VAL A 662 25.87 -14.05 -11.77
N LEU A 663 26.11 -15.13 -11.04
CA LEU A 663 25.05 -16.04 -10.65
C LEU A 663 24.82 -15.92 -9.14
N MET A 664 23.55 -15.99 -8.73
CA MET A 664 23.22 -16.08 -7.31
C MET A 664 22.43 -17.35 -7.14
N SER A 665 22.67 -18.06 -6.04
CA SER A 665 21.88 -19.24 -5.72
C SER A 665 21.49 -19.23 -4.24
N VAL A 666 20.58 -20.14 -3.89
CA VAL A 666 19.97 -20.17 -2.56
C VAL A 666 20.20 -21.53 -1.89
N ILE A 667 20.30 -21.50 -0.57
CA ILE A 667 20.41 -22.70 0.25
C ILE A 667 19.19 -22.67 1.16
N ALA A 668 18.30 -23.65 1.00
CA ALA A 668 17.03 -23.66 1.73
C ALA A 668 16.76 -25.03 2.37
N GLY A 669 15.72 -25.09 3.20
CA GLY A 669 15.30 -26.34 3.87
C GLY A 669 16.40 -26.98 4.68
N GLU A 670 16.50 -28.31 4.61
CA GLU A 670 17.54 -29.07 5.31
C GLU A 670 18.96 -28.67 4.94
N ALA A 671 19.15 -28.12 3.74
CA ALA A 671 20.48 -27.75 3.26
C ALA A 671 21.15 -26.66 4.07
N VAL A 672 20.36 -25.78 4.72
CA VAL A 672 20.94 -24.77 5.61
C VAL A 672 21.71 -25.45 6.76
N ALA A 673 21.11 -26.49 7.34
CA ALA A 673 21.76 -27.26 8.39
C ALA A 673 23.11 -27.81 7.91
N SER A 674 23.10 -28.56 6.80
CA SER A 674 24.32 -29.19 6.27
C SER A 674 25.45 -28.20 6.03
N VAL A 675 25.11 -26.92 5.96
CA VAL A 675 26.07 -25.87 5.63
C VAL A 675 26.63 -25.14 6.86
N ARG A 676 25.94 -25.25 8.00
CA ARG A 676 26.32 -24.52 9.20
C ARG A 676 27.78 -24.74 9.65
N THR A 677 28.27 -25.97 9.52
CA THR A 677 29.63 -26.30 9.97
C THR A 677 30.67 -26.26 8.85
N LEU A 678 30.29 -25.71 7.69
CA LEU A 678 31.22 -25.53 6.58
C LEU A 678 31.67 -24.08 6.51
N ASP A 679 32.93 -23.86 6.18
CA ASP A 679 33.40 -22.49 5.95
C ASP A 679 33.02 -22.02 4.54
N ASP A 680 33.25 -20.75 4.23
CA ASP A 680 32.77 -20.17 2.98
C ASP A 680 33.43 -20.81 1.75
N LYS A 681 34.71 -21.10 1.87
CA LYS A 681 35.48 -21.82 0.84
C LYS A 681 34.85 -23.18 0.52
N GLN A 682 34.38 -23.89 1.54
CA GLN A 682 33.80 -25.21 1.36
C GLN A 682 32.42 -25.14 0.70
N VAL A 683 31.62 -24.16 1.10
CA VAL A 683 30.32 -23.93 0.45
C VAL A 683 30.53 -23.60 -1.04
N LEU A 684 31.52 -22.74 -1.31
CA LEU A 684 31.91 -22.41 -2.69
C LEU A 684 32.26 -23.67 -3.48
N GLN A 685 33.11 -24.53 -2.91
CA GLN A 685 33.49 -25.81 -3.53
C GLN A 685 32.30 -26.65 -3.95
N GLN A 686 31.32 -26.77 -3.05
CA GLN A 686 30.12 -27.56 -3.35
C GLN A 686 29.26 -26.92 -4.44
N CYS A 687 29.23 -25.59 -4.46
CA CYS A 687 28.48 -24.88 -5.47
C CYS A 687 29.12 -25.09 -6.85
N MET A 688 30.45 -24.96 -6.90
CA MET A 688 31.22 -25.14 -8.13
C MET A 688 31.15 -26.57 -8.62
N ALA A 689 31.21 -27.54 -7.70
CA ALA A 689 30.95 -28.95 -8.01
C ALA A 689 29.56 -29.14 -8.60
N THR A 690 28.55 -28.48 -8.04
CA THR A 690 27.19 -28.53 -8.57
C THR A 690 27.10 -27.99 -10.01
N LEU A 691 27.68 -26.82 -10.23
CA LEU A 691 27.64 -26.16 -11.53
C LEU A 691 28.37 -26.97 -12.59
N ARG A 692 29.51 -27.56 -12.22
CA ARG A 692 30.25 -28.43 -13.13
C ARG A 692 29.47 -29.69 -13.52
N GLU A 693 28.67 -30.21 -12.59
CA GLU A 693 27.73 -31.30 -12.91
C GLU A 693 26.56 -30.83 -13.80
N LEU A 694 26.01 -29.66 -13.50
CA LEU A 694 24.89 -29.11 -14.27
C LEU A 694 25.29 -28.78 -15.71
N PHE A 695 26.52 -28.31 -15.88
CA PHE A 695 27.06 -28.00 -17.21
C PHE A 695 28.17 -29.00 -17.57
N LYS A 696 27.82 -30.28 -17.47
CA LYS A 696 28.78 -31.38 -17.61
C LYS A 696 29.50 -31.38 -18.96
N GLU A 697 28.77 -31.01 -20.01
CA GLU A 697 29.28 -31.05 -21.39
C GLU A 697 30.17 -29.86 -21.73
N GLN A 698 30.50 -29.04 -20.73
CA GLN A 698 31.36 -27.89 -20.99
C GLN A 698 32.26 -27.52 -19.82
N GLU A 699 33.24 -26.68 -20.11
CA GLU A 699 34.12 -26.13 -19.09
C GLU A 699 33.40 -25.02 -18.35
N VAL A 700 33.68 -24.92 -17.05
CA VAL A 700 33.15 -23.86 -16.20
C VAL A 700 34.34 -23.12 -15.62
N PRO A 701 34.44 -21.80 -15.86
CA PRO A 701 35.59 -21.08 -15.34
C PRO A 701 35.53 -21.00 -13.80
N ASP A 702 36.65 -20.63 -13.19
CA ASP A 702 36.71 -20.37 -11.76
C ASP A 702 36.06 -19.03 -11.43
N PRO A 703 35.38 -18.94 -10.26
CA PRO A 703 34.83 -17.63 -9.93
C PRO A 703 35.94 -16.69 -9.47
N THR A 704 35.82 -15.41 -9.80
CA THR A 704 36.84 -14.42 -9.43
C THR A 704 36.45 -13.65 -8.17
N LYS A 705 35.21 -13.81 -7.73
CA LYS A 705 34.69 -13.09 -6.57
C LYS A 705 33.46 -13.84 -6.09
N TYR A 706 33.23 -13.86 -4.78
CA TYR A 706 32.06 -14.53 -4.24
C TYR A 706 31.71 -14.07 -2.83
N PHE A 707 30.47 -14.34 -2.43
CA PHE A 707 30.12 -14.29 -1.02
C PHE A 707 29.20 -15.44 -0.64
N VAL A 708 29.19 -15.78 0.64
CA VAL A 708 28.30 -16.78 1.20
C VAL A 708 27.67 -16.10 2.42
N THR A 709 26.34 -16.08 2.49
CA THR A 709 25.67 -15.36 3.58
C THR A 709 25.60 -16.24 4.84
N ARG A 710 25.60 -15.57 5.99
CA ARG A 710 25.47 -16.26 7.27
C ARG A 710 24.44 -15.53 8.15
N TRP A 711 23.25 -15.29 7.56
CA TRP A 711 22.13 -14.70 8.31
C TRP A 711 21.77 -15.46 9.58
N SER A 712 21.78 -16.79 9.52
CA SER A 712 21.42 -17.59 10.69
C SER A 712 22.30 -17.28 11.91
N THR A 713 23.54 -16.87 11.69
CA THR A 713 24.46 -16.56 12.81
C THR A 713 24.78 -15.08 12.95
N ASP A 714 24.06 -14.23 12.23
CA ASP A 714 24.18 -12.80 12.45
C ASP A 714 23.41 -12.49 13.76
N PRO A 715 24.13 -12.06 14.81
CA PRO A 715 23.57 -11.99 16.17
C PRO A 715 22.30 -11.14 16.29
N TRP A 716 22.17 -10.11 15.45
CA TRP A 716 21.04 -9.20 15.53
C TRP A 716 19.95 -9.51 14.55
N ILE A 717 20.12 -10.60 13.81
CA ILE A 717 19.12 -11.01 12.82
C ILE A 717 18.67 -12.44 13.05
N GLN A 718 19.59 -13.39 12.85
CA GLN A 718 19.40 -14.82 13.12
C GLN A 718 18.30 -15.51 12.32
N MET A 719 17.92 -14.95 11.18
CA MET A 719 16.85 -15.53 10.37
C MET A 719 16.79 -14.85 9.02
N ALA A 720 15.96 -15.39 8.12
CA ALA A 720 15.63 -14.70 6.87
C ALA A 720 14.22 -14.13 6.86
N TYR A 721 13.23 -14.94 7.25
CA TYR A 721 11.83 -14.52 7.31
C TYR A 721 10.94 -15.50 8.05
N SER A 722 9.83 -14.99 8.59
CA SER A 722 8.95 -15.75 9.48
C SER A 722 8.05 -16.73 8.73
N PHE A 723 7.54 -17.72 9.45
CA PHE A 723 6.49 -18.61 8.97
C PHE A 723 5.70 -19.10 10.18
N VAL A 724 4.57 -19.77 9.95
CA VAL A 724 3.76 -20.25 11.05
C VAL A 724 4.15 -21.70 11.39
N LYS A 725 4.75 -21.88 12.57
CA LYS A 725 5.08 -23.21 13.09
C LYS A 725 3.83 -24.02 13.43
N THR A 726 3.97 -25.35 13.46
CA THR A 726 2.86 -26.26 13.76
C THR A 726 2.22 -25.85 15.09
N GLY A 727 0.89 -25.86 15.14
CA GLY A 727 0.16 -25.41 16.32
C GLY A 727 -0.15 -23.92 16.36
N GLY A 728 0.50 -23.16 15.46
CA GLY A 728 0.35 -21.70 15.44
C GLY A 728 -0.78 -21.24 14.55
N SER A 729 -1.09 -19.94 14.64
CA SER A 729 -2.18 -19.35 13.86
C SER A 729 -1.69 -18.05 13.23
N GLY A 730 -2.30 -17.69 12.10
CA GLY A 730 -2.03 -16.40 11.45
C GLY A 730 -2.33 -15.24 12.40
N GLU A 731 -3.22 -15.49 13.36
CA GLU A 731 -3.58 -14.48 14.35
C GLU A 731 -2.36 -14.02 15.14
N ALA A 732 -1.37 -14.91 15.31
CA ALA A 732 -0.13 -14.54 16.01
C ALA A 732 0.53 -13.25 15.47
N TYR A 733 0.45 -13.03 14.16
CA TYR A 733 0.97 -11.79 13.56
C TYR A 733 0.25 -10.55 14.11
N ASP A 734 -1.08 -10.64 14.22
CA ASP A 734 -1.90 -9.59 14.83
C ASP A 734 -1.54 -9.39 16.30
N ILE A 735 -1.39 -10.51 17.04
CA ILE A 735 -1.10 -10.43 18.47
C ILE A 735 0.23 -9.78 18.73
N ILE A 736 1.25 -10.14 17.95
CA ILE A 736 2.57 -9.52 18.05
C ILE A 736 2.49 -8.03 17.71
N ALA A 737 1.66 -7.69 16.73
CA ALA A 737 1.50 -6.30 16.26
C ALA A 737 0.79 -5.39 17.27
N GLU A 738 0.09 -5.99 18.22
CA GLU A 738 -0.74 -5.24 19.16
C GLU A 738 0.11 -4.37 20.07
N ASP A 739 -0.22 -3.09 20.15
CA ASP A 739 0.54 -2.17 20.98
C ASP A 739 0.28 -2.45 22.47
N ILE A 740 1.21 -2.01 23.32
CA ILE A 740 1.03 -2.17 24.77
C ILE A 740 0.79 -0.80 25.35
N GLN A 741 -0.42 -0.60 25.88
CA GLN A 741 -0.81 0.64 26.57
C GLN A 741 -0.60 1.90 25.75
N GLY A 742 -0.82 1.82 24.44
CA GLY A 742 -0.52 2.93 23.53
C GLY A 742 0.88 3.49 23.71
N THR A 743 1.79 2.67 24.25
CA THR A 743 3.10 3.14 24.66
C THR A 743 4.22 2.39 23.92
N VAL A 744 4.12 1.07 23.88
CA VAL A 744 5.11 0.24 23.19
C VAL A 744 4.46 -0.32 21.95
N PHE A 745 5.07 -0.05 20.80
CA PHE A 745 4.50 -0.44 19.53
C PHE A 745 5.40 -1.47 18.85
N PHE A 746 4.82 -2.29 17.97
CA PHE A 746 5.57 -3.35 17.27
C PHE A 746 5.37 -3.33 15.77
N ALA A 747 6.47 -3.44 15.03
CA ALA A 747 6.44 -3.55 13.56
C ALA A 747 7.54 -4.51 13.10
N GLY A 748 7.60 -4.76 11.79
CA GLY A 748 8.50 -5.78 11.24
C GLY A 748 7.68 -6.79 10.46
N GLU A 749 8.34 -7.57 9.60
CA GLU A 749 7.65 -8.55 8.75
C GLU A 749 6.85 -9.59 9.56
N ALA A 750 7.32 -9.91 10.76
CA ALA A 750 6.63 -10.92 11.58
C ALA A 750 5.44 -10.32 12.33
N THR A 751 5.11 -9.05 12.04
CA THR A 751 3.92 -8.42 12.62
C THR A 751 2.87 -8.08 11.55
N ASN A 752 3.07 -8.54 10.32
CA ASN A 752 2.15 -8.26 9.24
C ASN A 752 1.43 -9.53 8.77
N ARG A 753 0.20 -9.68 9.24
CA ARG A 753 -0.62 -10.84 8.91
C ARG A 753 -0.98 -10.96 7.44
N HIS A 754 -1.24 -9.83 6.78
CA HIS A 754 -1.57 -9.85 5.35
C HIS A 754 -0.36 -10.16 4.51
N PHE A 755 0.76 -9.55 4.86
CA PHE A 755 1.95 -9.61 4.02
C PHE A 755 3.18 -9.98 4.87
N PRO A 756 3.19 -11.22 5.37
CA PRO A 756 4.35 -11.66 6.14
C PRO A 756 5.61 -11.79 5.27
N GLN A 757 6.78 -11.83 5.91
CA GLN A 757 8.05 -12.22 5.25
C GLN A 757 8.76 -11.13 4.46
N THR A 758 8.02 -10.25 3.80
CA THR A 758 8.61 -9.45 2.72
C THR A 758 9.06 -8.07 3.16
N VAL A 759 9.97 -7.47 2.39
CA VAL A 759 10.30 -6.06 2.56
C VAL A 759 9.00 -5.23 2.49
N THR A 760 8.14 -5.54 1.52
CA THR A 760 6.86 -4.84 1.36
C THR A 760 6.02 -4.88 2.64
N GLY A 761 5.88 -6.08 3.21
CA GLY A 761 5.12 -6.29 4.44
C GLY A 761 5.74 -5.60 5.64
N ALA A 762 7.06 -5.61 5.73
CA ALA A 762 7.78 -4.90 6.79
C ALA A 762 7.59 -3.38 6.64
N TYR A 763 7.76 -2.89 5.41
CA TYR A 763 7.51 -1.48 5.12
C TYR A 763 6.10 -1.02 5.54
N LEU A 764 5.08 -1.80 5.18
CA LEU A 764 3.70 -1.46 5.49
C LEU A 764 3.41 -1.53 6.99
N SER A 765 4.07 -2.45 7.71
CA SER A 765 3.92 -2.56 9.16
C SER A 765 4.44 -1.30 9.84
N GLY A 766 5.53 -0.76 9.32
CA GLY A 766 6.07 0.53 9.78
C GLY A 766 5.10 1.68 9.53
N VAL A 767 4.53 1.72 8.33
CA VAL A 767 3.54 2.76 7.96
C VAL A 767 2.31 2.65 8.88
N ARG A 768 1.88 1.41 9.13
CA ARG A 768 0.77 1.10 10.05
C ARG A 768 1.00 1.69 11.44
N GLU A 769 2.17 1.42 12.01
CA GLU A 769 2.50 1.89 13.35
C GLU A 769 2.68 3.40 13.43
N ALA A 770 3.26 3.99 12.40
CA ALA A 770 3.38 5.45 12.32
C ALA A 770 2.00 6.10 12.38
N SER A 771 1.03 5.52 11.68
CA SER A 771 -0.35 6.00 11.76
C SER A 771 -0.91 5.94 13.19
N LYS A 772 -0.79 4.78 13.85
CA LYS A 772 -1.24 4.59 15.24
C LYS A 772 -0.57 5.56 16.20
N ILE A 773 0.74 5.75 16.02
CA ILE A 773 1.54 6.61 16.89
C ILE A 773 1.17 8.08 16.73
N ALA A 774 0.96 8.51 15.49
CA ALA A 774 0.58 9.89 15.18
C ALA A 774 -0.84 10.26 15.65
N ALA A 775 -1.70 9.27 15.87
CA ALA A 775 -3.08 9.52 16.29
C ALA A 775 -3.17 10.07 17.72
N ASP B 70 -16.24 -8.49 3.74
CA ASP B 70 -15.24 -9.60 3.66
C ASP B 70 -13.80 -9.08 3.63
N PRO B 71 -12.91 -9.67 4.47
CA PRO B 71 -11.51 -9.24 4.56
C PRO B 71 -10.65 -9.66 3.36
N HIS B 72 -11.24 -10.36 2.40
CA HIS B 72 -10.56 -10.75 1.16
C HIS B 72 -10.39 -9.58 0.22
N PHE B 73 -10.93 -8.42 0.62
CA PHE B 73 -11.02 -7.25 -0.26
C PHE B 73 -10.42 -5.97 0.35
N HIS B 74 -10.70 -5.75 1.64
CA HIS B 74 -10.49 -4.45 2.28
C HIS B 74 -9.05 -3.99 2.30
N HIS B 75 -8.89 -2.67 2.19
CA HIS B 75 -7.58 -2.04 2.18
C HIS B 75 -6.90 -2.20 3.50
N PHE B 76 -5.72 -2.81 3.47
CA PHE B 76 -4.92 -3.06 4.67
C PHE B 76 -4.70 -1.83 5.56
N LEU B 77 -4.42 -0.69 4.95
CA LEU B 77 -4.15 0.52 5.73
C LEU B 77 -5.43 1.22 6.23
N LEU B 78 -6.59 0.85 5.70
CA LEU B 78 -7.86 1.43 6.14
C LEU B 78 -8.77 0.41 6.82
N SER B 79 -8.17 -0.65 7.35
CA SER B 79 -8.91 -1.68 8.08
C SER B 79 -8.27 -1.91 9.45
N GLN B 80 -7.63 -0.88 10.00
CA GLN B 80 -6.88 -1.03 11.24
C GLN B 80 -7.68 -0.81 12.53
N THR B 81 -8.98 -0.52 12.41
CA THR B 81 -9.86 -0.37 13.59
C THR B 81 -10.79 -1.56 13.80
PA FAD C . 15.02 -6.25 9.56
O1A FAD C . 15.25 -6.06 8.20
O2A FAD C . 15.55 -7.43 9.97
O5B FAD C . 15.61 -5.15 10.37
C5B FAD C . 15.61 -5.15 11.79
C4B FAD C . 16.72 -4.42 12.43
O4B FAD C . 16.66 -4.63 13.77
C3B FAD C . 18.08 -4.97 11.99
O3B FAD C . 18.72 -3.98 11.33
C2B FAD C . 18.75 -5.36 13.33
O2B FAD C . 20.10 -5.05 13.35
C1B FAD C . 17.97 -4.46 14.26
N9A FAD C . 18.01 -4.88 15.67
C8A FAD C . 17.81 -6.08 16.12
N7A FAD C . 17.87 -6.09 17.42
C5A FAD C . 18.16 -4.91 17.82
C6A FAD C . 18.37 -4.34 19.05
N6A FAD C . 18.30 -4.98 20.18
N1A FAD C . 18.65 -3.07 19.11
C2A FAD C . 18.72 -2.36 18.01
N3A FAD C . 18.51 -2.86 16.82
C4A FAD C . 18.24 -4.13 16.70
N1 FAD C . 12.00 -10.04 1.14
C2 FAD C . 11.48 -9.67 -0.02
O2 FAD C . 10.52 -8.97 -0.09
N3 FAD C . 12.07 -10.12 -1.16
C4 FAD C . 13.16 -10.93 -1.16
O4 FAD C . 13.63 -11.28 -2.22
C4X FAD C . 13.66 -11.35 0.05
N5 FAD C . 14.69 -12.21 0.11
C5X FAD C . 15.35 -12.43 1.24
C6 FAD C . 16.54 -13.10 1.23
C7 FAD C . 17.28 -13.24 2.38
C7M FAD C . 18.60 -13.97 2.37
C8 FAD C . 16.79 -12.71 3.56
C8M FAD C . 17.57 -12.85 4.81
C9 FAD C . 15.58 -12.04 3.56
C9A FAD C . 14.85 -11.88 2.41
N10 FAD C . 13.62 -11.23 2.41
C10 FAD C . 13.07 -10.88 1.20
C1' FAD C . 12.99 -10.85 3.70
C2' FAD C . 13.13 -9.40 4.02
O2' FAD C . 14.41 -8.98 3.83
C3' FAD C . 12.67 -9.06 5.47
O3' FAD C . 11.40 -9.48 5.56
C4' FAD C . 12.71 -7.57 5.78
O4' FAD C . 13.94 -7.01 5.59
C5' FAD C . 12.29 -7.33 7.23
O5' FAD C . 12.29 -6.08 7.63
P FAD C . 12.31 -5.69 9.09
O1P FAD C . 12.35 -4.32 9.13
O2P FAD C . 11.17 -6.26 9.53
O3P FAD C . 13.49 -6.45 9.80
C1 GOL D . 9.73 -15.78 0.39
O1 GOL D . 8.56 -16.58 0.57
C2 GOL D . 9.50 -14.39 1.00
O2 GOL D . 8.11 -14.12 1.09
C3 GOL D . 10.12 -13.34 0.11
O3 GOL D . 11.52 -13.54 0.11
C1 GOL E . 26.64 -12.19 6.76
O1 GOL E . 26.39 -13.42 6.10
C2 GOL E . 25.52 -11.26 6.37
O2 GOL E . 24.37 -11.56 7.17
C3 GOL E . 25.21 -11.43 4.88
O3 GOL E . 26.43 -11.43 4.09
ZN ZN F . -34.22 28.40 1.76
ZN ZN G . -35.57 33.52 -11.65
ZN ZN H . -9.27 39.71 -2.52
C1 PGE I . -14.34 -5.13 -1.61
O1 PGE I . -13.39 -4.64 -0.69
C2 PGE I . -13.95 -5.17 -3.08
O2 PGE I . -14.74 -5.95 -3.93
C3 PGE I . -14.38 -6.12 -5.28
C4 PGE I . -14.77 -5.02 -6.27
O4 PGE I . -16.62 -1.25 -5.20
C6 PGE I . -17.16 -2.12 -6.16
C5 PGE I . -16.23 -3.16 -6.77
O3 PGE I . -15.97 -4.33 -6.04
#